data_8Z0E
#
_entry.id   8Z0E
#
_cell.length_a   89.952
_cell.length_b   97.072
_cell.length_c   97.427
_cell.angle_alpha   90.00
_cell.angle_beta   90.00
_cell.angle_gamma   90.00
#
_symmetry.space_group_name_H-M   'P 21 21 21'
#
loop_
_entity.id
_entity.type
_entity.pdbx_description
1 polymer 'Aspartate aminotransferase, cytoplasmic'
2 non-polymer "PYRIDOXAL-5'-PHOSPHATE"
3 water water
#
_entity_poly.entity_id   1
_entity_poly.type   'polypeptide(L)'
_entity_poly.pdbx_seq_one_letter_code
;MAPPSVFAEVPQAQRVLVFKLTADFREDPDPRKVNLGVGAYRTDDCHPWVLPVVKKVEQKIANDNSLNHEYLPILGLAEF
RSCASRLALGDDSPALKEKRVGGVQSLGGTGALRIGADFLARWYNGTNNKNTPVYVSSPTWENHNAVFSAAGFKDIRSYR
YWDAEKRGLDLQGFLNDLENAPEFSIVVLHACAHNPTGIDPTPEQWKQIASVMKHRFLFPFFDSAYQGFASGNLERDAWA
IRYFVSEGFEFFCAQSFSKNFGLYNERVGNLTVVGKEPESILQVLSQMEKIVRITWSNPPAQGARIVASTLSNPELFEEW
TGNVKTMADRILTMRSELRARLEALKTPGTWNHITDQIGMFSFTGLNPKQVEYLVNEKHIYLLPSGRINVSGLTTKNLDY
VATSIHEAVTKIQ
;
_entity_poly.pdbx_strand_id   A,B
#
# COMPACT_ATOMS: atom_id res chain seq x y z
N ALA A 2 -14.78 21.78 -28.93
CA ALA A 2 -14.49 21.82 -27.49
C ALA A 2 -13.00 21.60 -27.25
N PRO A 3 -12.44 22.20 -26.20
CA PRO A 3 -11.01 22.01 -25.94
C PRO A 3 -10.72 20.56 -25.60
N PRO A 4 -9.49 20.10 -25.86
CA PRO A 4 -9.17 18.68 -25.64
C PRO A 4 -9.07 18.35 -24.16
N SER A 5 -9.29 17.06 -23.86
CA SER A 5 -9.12 16.58 -22.51
C SER A 5 -7.68 16.80 -22.04
N VAL A 6 -7.51 17.10 -20.76
CA VAL A 6 -6.18 17.19 -20.19
C VAL A 6 -5.48 15.83 -20.18
N PHE A 7 -6.22 14.75 -20.41
CA PHE A 7 -5.67 13.39 -20.54
C PHE A 7 -5.45 12.97 -21.99
N ALA A 8 -5.64 13.88 -22.95
CA ALA A 8 -5.68 13.51 -24.37
C ALA A 8 -4.35 12.97 -24.88
N GLU A 9 -3.23 13.31 -24.25
CA GLU A 9 -1.92 12.90 -24.70
C GLU A 9 -1.35 11.76 -23.87
N VAL A 10 -2.16 11.12 -23.03
CA VAL A 10 -1.67 10.05 -22.17
C VAL A 10 -1.60 8.79 -23.03
N PRO A 11 -0.42 8.20 -23.20
CA PRO A 11 -0.32 6.99 -24.03
C PRO A 11 -0.72 5.75 -23.26
N GLN A 12 -1.03 4.71 -24.03
CA GLN A 12 -1.32 3.41 -23.44
C GLN A 12 -0.03 2.78 -22.94
N ALA A 13 -0.01 2.42 -21.65
CA ALA A 13 1.11 1.67 -21.10
C ALA A 13 1.00 0.20 -21.52
N GLN A 14 2.15 -0.43 -21.74
CA GLN A 14 2.16 -1.83 -22.11
C GLN A 14 2.03 -2.70 -20.88
N ARG A 15 1.21 -3.74 -20.98
CA ARG A 15 1.01 -4.63 -19.84
C ARG A 15 2.10 -5.70 -19.80
N VAL A 16 2.28 -6.29 -18.61
CA VAL A 16 3.32 -7.28 -18.42
C VAL A 16 3.07 -8.49 -19.34
N LEU A 17 4.15 -9.19 -19.68
CA LEU A 17 4.06 -10.30 -20.64
C LEU A 17 3.09 -11.38 -20.18
N VAL A 18 2.96 -11.58 -18.86
CA VAL A 18 2.11 -12.65 -18.33
C VAL A 18 0.64 -12.42 -18.67
N PHE A 19 0.19 -11.16 -18.71
CA PHE A 19 -1.20 -10.87 -19.01
C PHE A 19 -1.58 -11.35 -20.41
N LYS A 20 -0.77 -11.00 -21.41
CA LYS A 20 -1.05 -11.46 -22.77
C LYS A 20 -0.94 -12.98 -22.87
N LEU A 21 0.09 -13.56 -22.28
CA LEU A 21 0.26 -15.01 -22.33
C LEU A 21 -0.97 -15.73 -21.78
N THR A 22 -1.55 -15.21 -20.70
CA THR A 22 -2.68 -15.86 -20.06
C THR A 22 -3.98 -15.65 -20.84
N ALA A 23 -4.14 -14.49 -21.46
CA ALA A 23 -5.31 -14.27 -22.31
C ALA A 23 -5.24 -15.15 -23.56
N ASP A 24 -4.06 -15.24 -24.18
CA ASP A 24 -3.89 -16.15 -25.31
C ASP A 24 -4.23 -17.58 -24.90
N PHE A 25 -3.71 -18.03 -23.76
CA PHE A 25 -4.04 -19.35 -23.27
C PHE A 25 -5.54 -19.50 -23.09
N ARG A 26 -6.16 -18.54 -22.42
CA ARG A 26 -7.60 -18.57 -22.16
C ARG A 26 -8.39 -18.71 -23.46
N GLU A 27 -8.01 -17.94 -24.48
CA GLU A 27 -8.72 -17.94 -25.76
C GLU A 27 -8.36 -19.13 -26.65
N ASP A 28 -7.33 -19.89 -26.29
CA ASP A 28 -6.93 -21.03 -27.12
C ASP A 28 -8.00 -22.12 -27.05
N PRO A 29 -8.53 -22.57 -28.20
CA PRO A 29 -9.53 -23.66 -28.19
C PRO A 29 -8.92 -25.06 -28.15
N ASP A 30 -7.63 -25.17 -28.45
CA ASP A 30 -7.00 -26.48 -28.53
C ASP A 30 -7.10 -27.20 -27.17
N PRO A 31 -7.60 -28.43 -27.13
CA PRO A 31 -7.84 -29.09 -25.83
C PRO A 31 -6.60 -29.59 -25.13
N ARG A 32 -5.43 -29.59 -25.77
CA ARG A 32 -4.21 -30.03 -25.10
C ARG A 32 -3.49 -28.89 -24.38
N LYS A 33 -4.06 -27.69 -24.37
CA LYS A 33 -3.32 -26.51 -23.94
C LYS A 33 -2.91 -26.62 -22.47
N VAL A 34 -1.75 -26.02 -22.16
CA VAL A 34 -1.18 -26.02 -20.81
C VAL A 34 -0.64 -24.62 -20.55
N ASN A 35 -0.95 -24.07 -19.37
CA ASN A 35 -0.42 -22.76 -18.99
C ASN A 35 0.72 -22.95 -17.99
N LEU A 36 1.96 -22.73 -18.46
CA LEU A 36 3.14 -22.78 -17.62
C LEU A 36 3.59 -21.39 -17.21
N GLY A 37 2.73 -20.39 -17.38
CA GLY A 37 3.08 -19.03 -17.02
C GLY A 37 2.18 -18.40 -15.98
N VAL A 38 1.50 -19.20 -15.16
CA VAL A 38 0.77 -18.64 -14.02
C VAL A 38 1.78 -18.05 -13.04
N GLY A 39 1.40 -16.96 -12.36
CA GLY A 39 2.34 -16.31 -11.47
C GLY A 39 2.24 -16.68 -9.99
N ALA A 40 1.65 -17.84 -9.69
CA ALA A 40 1.38 -18.25 -8.32
C ALA A 40 1.29 -19.77 -8.27
N TYR A 41 1.24 -20.29 -7.03
CA TYR A 41 1.19 -21.74 -6.81
C TYR A 41 -0.15 -22.32 -7.26
N ARG A 42 -0.10 -23.46 -7.97
CA ARG A 42 -1.32 -24.17 -8.34
C ARG A 42 -1.18 -25.65 -8.00
N THR A 43 -2.31 -26.29 -7.67
CA THR A 43 -2.30 -27.69 -7.26
C THR A 43 -2.19 -28.60 -8.48
N ASP A 44 -2.16 -29.91 -8.21
CA ASP A 44 -2.15 -30.90 -9.28
C ASP A 44 -3.41 -30.85 -10.12
N ASP A 45 -4.47 -30.18 -9.62
CA ASP A 45 -5.72 -29.98 -10.34
C ASP A 45 -5.81 -28.62 -11.01
N CYS A 46 -4.71 -27.87 -11.04
CA CYS A 46 -4.62 -26.56 -11.66
C CYS A 46 -5.44 -25.51 -10.90
N HIS A 47 -5.66 -25.70 -9.62
CA HIS A 47 -6.44 -24.72 -8.85
C HIS A 47 -5.56 -24.00 -7.82
N PRO A 48 -5.99 -22.81 -7.38
CA PRO A 48 -5.34 -22.18 -6.21
C PRO A 48 -5.51 -23.08 -4.98
N TRP A 49 -4.63 -22.86 -4.00
CA TRP A 49 -4.66 -23.58 -2.72
C TRP A 49 -4.64 -22.59 -1.58
N VAL A 50 -5.74 -22.50 -0.84
CA VAL A 50 -5.72 -21.75 0.42
C VAL A 50 -5.16 -22.70 1.47
N LEU A 51 -4.10 -22.27 2.15
CA LEU A 51 -3.45 -23.14 3.11
C LEU A 51 -4.43 -23.48 4.24
N PRO A 52 -4.50 -24.74 4.65
CA PRO A 52 -5.40 -25.09 5.77
C PRO A 52 -5.19 -24.25 7.02
N VAL A 53 -3.93 -23.95 7.37
CA VAL A 53 -3.67 -23.17 8.57
C VAL A 53 -4.25 -21.77 8.42
N VAL A 54 -4.28 -21.24 7.20
CA VAL A 54 -4.84 -19.91 6.97
C VAL A 54 -6.35 -19.93 7.18
N LYS A 55 -7.03 -20.95 6.66
CA LYS A 55 -8.46 -21.10 6.91
C LYS A 55 -8.74 -21.16 8.41
N LYS A 56 -7.96 -21.96 9.13
CA LYS A 56 -8.16 -22.08 10.58
C LYS A 56 -7.90 -20.75 11.28
N VAL A 57 -6.82 -20.05 10.91
CA VAL A 57 -6.57 -18.77 11.57
C VAL A 57 -7.62 -17.74 11.18
N GLU A 58 -8.10 -17.77 9.92
CA GLU A 58 -9.15 -16.82 9.56
C GLU A 58 -10.40 -17.01 10.42
N GLN A 59 -10.71 -18.26 10.76
CA GLN A 59 -11.85 -18.52 11.65
C GLN A 59 -11.59 -17.95 13.04
N LYS A 60 -10.38 -18.14 13.57
CA LYS A 60 -10.01 -17.58 14.87
C LYS A 60 -10.18 -16.08 14.89
N ILE A 61 -9.68 -15.40 13.85
CA ILE A 61 -9.80 -13.93 13.77
C ILE A 61 -11.27 -13.52 13.75
N ALA A 62 -12.07 -14.17 12.89
CA ALA A 62 -13.47 -13.78 12.76
C ALA A 62 -14.24 -13.98 14.06
N ASN A 63 -13.83 -14.93 14.89
CA ASN A 63 -14.51 -15.20 16.16
C ASN A 63 -13.90 -14.44 17.35
N ASP A 64 -12.88 -13.62 17.14
CA ASP A 64 -12.23 -12.86 18.22
C ASP A 64 -12.91 -11.51 18.33
N ASN A 65 -13.86 -11.40 19.25
CA ASN A 65 -14.67 -10.20 19.38
C ASN A 65 -13.87 -9.00 19.91
N SER A 66 -12.63 -9.19 20.34
CA SER A 66 -11.87 -8.10 20.90
C SER A 66 -11.07 -7.33 19.86
N LEU A 67 -11.05 -7.78 18.61
CA LEU A 67 -10.32 -7.08 17.57
C LEU A 67 -11.13 -5.89 17.06
N ASN A 68 -10.46 -4.77 16.87
CA ASN A 68 -11.14 -3.63 16.26
C ASN A 68 -10.44 -3.28 14.95
N HIS A 69 -10.85 -2.17 14.34
CA HIS A 69 -10.33 -1.75 13.05
C HIS A 69 -9.56 -0.44 13.15
N GLU A 70 -9.13 -0.04 14.35
CA GLU A 70 -8.39 1.20 14.49
C GLU A 70 -7.02 1.10 13.84
N TYR A 71 -6.53 2.25 13.35
CA TYR A 71 -5.25 2.31 12.65
C TYR A 71 -4.16 1.53 13.39
N LEU A 72 -3.43 0.69 12.66
CA LEU A 72 -2.20 0.14 13.19
C LEU A 72 -1.16 1.25 13.34
N PRO A 73 -0.11 1.03 14.13
CA PRO A 73 1.04 1.94 14.09
C PRO A 73 1.57 2.04 12.66
N ILE A 74 2.25 3.16 12.39
CA ILE A 74 2.75 3.41 11.04
C ILE A 74 3.62 2.26 10.57
N LEU A 75 4.52 1.77 11.43
CA LEU A 75 5.41 0.69 11.04
C LEU A 75 4.74 -0.67 11.02
N GLY A 76 3.55 -0.80 11.56
CA GLY A 76 2.76 -2.02 11.43
C GLY A 76 2.51 -2.70 12.76
N LEU A 77 1.88 -3.88 12.66
CA LEU A 77 1.53 -4.68 13.81
C LEU A 77 2.80 -5.22 14.47
N ALA A 78 3.01 -4.87 15.75
CA ALA A 78 4.28 -5.17 16.41
C ALA A 78 4.58 -6.67 16.40
N GLU A 79 3.59 -7.50 16.69
CA GLU A 79 3.87 -8.93 16.77
C GLU A 79 4.23 -9.51 15.42
N PHE A 80 3.66 -8.97 14.33
CA PHE A 80 4.05 -9.41 13.00
C PHE A 80 5.48 -9.02 12.67
N ARG A 81 5.88 -7.77 12.98
CA ARG A 81 7.21 -7.31 12.60
C ARG A 81 8.31 -8.11 13.29
N SER A 82 8.12 -8.41 14.59
CA SER A 82 9.14 -9.16 15.30
C SER A 82 9.15 -10.63 14.88
N CYS A 83 7.97 -11.20 14.63
CA CYS A 83 7.90 -12.59 14.16
C CYS A 83 8.50 -12.73 12.76
N ALA A 84 8.25 -11.75 11.89
CA ALA A 84 8.77 -11.84 10.53
C ALA A 84 10.29 -11.74 10.53
N SER A 85 10.83 -10.73 11.24
CA SER A 85 12.27 -10.61 11.31
C SER A 85 12.89 -11.82 11.99
N ARG A 86 12.25 -12.35 13.02
CA ARG A 86 12.77 -13.53 13.69
C ARG A 86 12.73 -14.75 12.78
N LEU A 87 11.72 -14.85 11.90
CA LEU A 87 11.68 -15.92 10.93
C LEU A 87 12.87 -15.87 9.98
N ALA A 88 13.24 -14.66 9.52
CA ALA A 88 14.35 -14.56 8.58
C ALA A 88 15.70 -14.73 9.28
N LEU A 89 15.86 -14.14 10.47
CA LEU A 89 17.17 -14.10 11.11
C LEU A 89 17.45 -15.29 12.04
N GLY A 90 16.41 -16.03 12.44
CA GLY A 90 16.58 -17.09 13.41
C GLY A 90 16.41 -16.65 14.86
N ASP A 91 15.79 -17.52 15.66
CA ASP A 91 15.46 -17.18 17.04
C ASP A 91 16.67 -16.72 17.83
N ASP A 92 17.82 -17.36 17.61
CA ASP A 92 19.03 -17.10 18.39
C ASP A 92 19.97 -16.12 17.68
N SER A 93 19.45 -15.31 16.77
CA SER A 93 20.30 -14.37 16.03
C SER A 93 20.99 -13.42 16.99
N PRO A 94 22.31 -13.28 16.92
CA PRO A 94 22.96 -12.25 17.75
C PRO A 94 22.49 -10.85 17.45
N ALA A 95 22.09 -10.58 16.20
CA ALA A 95 21.56 -9.25 15.90
C ALA A 95 20.31 -8.97 16.69
N LEU A 96 19.44 -9.97 16.85
CA LEU A 96 18.22 -9.80 17.62
C LEU A 96 18.52 -9.56 19.08
N LYS A 97 19.47 -10.32 19.65
CA LYS A 97 19.81 -10.14 21.06
C LYS A 97 20.49 -8.80 21.28
N GLU A 98 21.21 -8.30 20.29
CA GLU A 98 21.92 -7.03 20.41
C GLU A 98 21.07 -5.83 20.00
N LYS A 99 19.79 -6.05 19.67
CA LYS A 99 18.83 -4.98 19.36
C LYS A 99 19.25 -4.16 18.14
N ARG A 100 19.93 -4.81 17.19
CA ARG A 100 20.41 -4.21 15.96
C ARG A 100 19.42 -4.37 14.80
N VAL A 101 18.19 -4.77 15.06
CA VAL A 101 17.25 -5.15 14.01
C VAL A 101 16.01 -4.30 14.11
N GLY A 102 15.50 -3.88 12.95
CA GLY A 102 14.20 -3.25 12.88
C GLY A 102 13.37 -3.95 11.82
N GLY A 103 12.06 -3.71 11.88
CA GLY A 103 11.16 -4.31 10.90
C GLY A 103 10.04 -3.36 10.54
N VAL A 104 9.75 -3.22 9.25
CA VAL A 104 8.65 -2.36 8.78
C VAL A 104 7.65 -3.21 8.03
N GLN A 105 6.42 -3.28 8.54
CA GLN A 105 5.37 -3.97 7.81
C GLN A 105 5.10 -3.25 6.50
N SER A 106 5.05 -4.02 5.40
CA SER A 106 4.93 -3.40 4.09
C SER A 106 3.88 -4.13 3.28
N LEU A 107 3.55 -3.55 2.11
CA LEU A 107 2.52 -4.09 1.23
C LEU A 107 3.15 -5.15 0.33
N GLY A 108 3.25 -6.36 0.88
CA GLY A 108 3.93 -7.46 0.21
C GLY A 108 5.42 -7.18 0.08
N GLY A 109 6.08 -8.07 -0.67
CA GLY A 109 7.50 -7.88 -0.93
C GLY A 109 7.79 -6.64 -1.77
N THR A 110 6.90 -6.34 -2.72
CA THR A 110 7.02 -5.14 -3.54
C THR A 110 7.07 -3.89 -2.67
N GLY A 111 6.12 -3.78 -1.75
CA GLY A 111 6.08 -2.64 -0.84
C GLY A 111 7.34 -2.52 -0.01
N ALA A 112 7.88 -3.65 0.45
CA ALA A 112 9.12 -3.62 1.25
C ALA A 112 10.29 -3.13 0.40
N LEU A 113 10.41 -3.65 -0.83
CA LEU A 113 11.44 -3.16 -1.75
C LEU A 113 11.30 -1.66 -2.01
N ARG A 114 10.06 -1.21 -2.24
CA ARG A 114 9.85 0.20 -2.54
C ARG A 114 10.25 1.09 -1.35
N ILE A 115 9.78 0.76 -0.14
CA ILE A 115 10.13 1.60 1.01
C ILE A 115 11.64 1.60 1.23
N GLY A 116 12.27 0.42 1.14
CA GLY A 116 13.70 0.37 1.34
C GLY A 116 14.45 1.17 0.28
N ALA A 117 14.02 1.06 -0.98
CA ALA A 117 14.68 1.83 -2.04
C ALA A 117 14.51 3.32 -1.80
N ASP A 118 13.29 3.73 -1.44
CA ASP A 118 13.06 5.15 -1.13
C ASP A 118 13.98 5.62 -0.02
N PHE A 119 14.18 4.78 1.00
CA PHE A 119 15.06 5.18 2.11
C PHE A 119 16.48 5.36 1.62
N LEU A 120 16.98 4.38 0.85
CA LEU A 120 18.35 4.45 0.36
C LEU A 120 18.56 5.67 -0.53
N ALA A 121 17.59 5.98 -1.39
CA ALA A 121 17.72 7.13 -2.28
C ALA A 121 17.79 8.45 -1.53
N ARG A 122 17.39 8.46 -0.26
CA ARG A 122 17.37 9.69 0.52
C ARG A 122 18.49 9.78 1.54
N TRP A 123 18.86 8.66 2.18
CA TRP A 123 19.74 8.70 3.34
C TRP A 123 21.04 7.91 3.20
N TYR A 124 21.21 7.12 2.16
CA TYR A 124 22.33 6.19 2.06
C TYR A 124 23.38 6.70 1.08
N ASN A 125 24.66 6.53 1.44
CA ASN A 125 25.79 6.89 0.58
C ASN A 125 25.75 8.38 0.23
N GLY A 126 25.39 9.19 1.21
CA GLY A 126 25.13 10.61 1.02
C GLY A 126 23.66 10.92 1.26
N THR A 127 23.32 12.19 1.03
CA THR A 127 21.94 12.64 1.12
C THR A 127 21.41 12.84 -0.30
N ASN A 128 20.25 12.24 -0.58
CA ASN A 128 19.62 12.35 -1.90
C ASN A 128 20.59 11.95 -3.01
N ASN A 129 21.36 10.89 -2.76
CA ASN A 129 22.29 10.38 -3.78
C ASN A 129 21.52 9.42 -4.69
N LYS A 130 21.08 9.91 -5.84
CA LYS A 130 20.41 9.05 -6.80
C LYS A 130 21.40 8.42 -7.79
N ASN A 131 22.69 8.67 -7.61
CA ASN A 131 23.69 8.12 -8.52
C ASN A 131 24.32 6.82 -8.05
N THR A 132 24.08 6.40 -6.81
CA THR A 132 24.60 5.13 -6.33
C THR A 132 24.16 4.01 -7.26
N PRO A 133 25.09 3.24 -7.84
CA PRO A 133 24.69 2.15 -8.72
C PRO A 133 23.88 1.11 -7.96
N VAL A 134 22.86 0.58 -8.65
CA VAL A 134 22.06 -0.51 -8.12
C VAL A 134 22.26 -1.69 -9.06
N TYR A 135 22.72 -2.82 -8.52
CA TYR A 135 22.98 -4.02 -9.29
C TYR A 135 21.86 -5.04 -9.08
N VAL A 136 21.37 -5.63 -10.18
CA VAL A 136 20.39 -6.70 -10.13
C VAL A 136 20.92 -7.84 -10.97
N SER A 137 20.39 -9.04 -10.71
CA SER A 137 20.88 -10.21 -11.43
C SER A 137 20.42 -10.16 -12.89
N SER A 138 21.15 -10.88 -13.73
CA SER A 138 20.79 -11.02 -15.14
C SER A 138 20.43 -12.47 -15.42
N PRO A 139 19.14 -12.82 -15.60
CA PRO A 139 17.96 -11.96 -15.49
C PRO A 139 17.48 -11.83 -14.05
N THR A 140 16.42 -11.06 -13.83
CA THR A 140 15.90 -10.91 -12.47
C THR A 140 14.38 -10.76 -12.54
N TRP A 141 13.77 -10.73 -11.36
CA TRP A 141 12.35 -10.41 -11.24
C TRP A 141 12.02 -9.14 -11.99
N GLU A 142 10.91 -9.19 -12.73
CA GLU A 142 10.58 -8.21 -13.75
C GLU A 142 10.37 -6.81 -13.21
N ASN A 143 10.20 -6.65 -11.89
CA ASN A 143 9.90 -5.35 -11.30
C ASN A 143 11.05 -4.76 -10.48
N HIS A 144 12.18 -5.47 -10.36
CA HIS A 144 13.32 -4.93 -9.60
C HIS A 144 13.80 -3.61 -10.20
N ASN A 145 14.10 -3.60 -11.50
CA ASN A 145 14.49 -2.36 -12.17
C ASN A 145 13.48 -1.25 -11.95
N ALA A 146 12.19 -1.55 -12.18
CA ALA A 146 11.15 -0.51 -12.11
C ALA A 146 11.03 0.08 -10.71
N VAL A 147 11.12 -0.76 -9.67
CA VAL A 147 10.95 -0.28 -8.30
C VAL A 147 12.09 0.66 -7.92
N PHE A 148 13.33 0.28 -8.23
CA PHE A 148 14.46 1.15 -7.88
C PHE A 148 14.50 2.39 -8.76
N SER A 149 14.04 2.29 -10.01
CA SER A 149 13.93 3.49 -10.83
C SER A 149 12.88 4.45 -10.28
N ALA A 150 11.77 3.90 -9.75
CA ALA A 150 10.73 4.75 -9.18
C ALA A 150 11.22 5.46 -7.92
N ALA A 151 12.12 4.83 -7.16
CA ALA A 151 12.76 5.50 -6.03
C ALA A 151 13.71 6.61 -6.47
N GLY A 152 14.05 6.68 -7.75
CA GLY A 152 14.87 7.75 -8.27
C GLY A 152 16.26 7.34 -8.71
N PHE A 153 16.66 6.08 -8.54
CA PHE A 153 18.01 5.68 -8.89
C PHE A 153 18.21 5.72 -10.40
N LYS A 154 19.28 6.38 -10.82
CA LYS A 154 19.53 6.67 -12.23
C LYS A 154 20.45 5.65 -12.91
N ASP A 155 21.08 4.74 -12.15
CA ASP A 155 22.13 3.88 -12.68
C ASP A 155 21.86 2.45 -12.21
N ILE A 156 20.98 1.76 -12.92
CA ILE A 156 20.62 0.39 -12.57
C ILE A 156 21.38 -0.53 -13.52
N ARG A 157 22.11 -1.46 -12.93
CA ARG A 157 23.08 -2.29 -13.63
C ARG A 157 22.73 -3.75 -13.40
N SER A 158 23.30 -4.62 -14.25
CA SER A 158 23.14 -6.06 -14.14
C SER A 158 24.45 -6.67 -13.69
N TYR A 159 24.37 -7.73 -12.89
CA TYR A 159 25.51 -8.61 -12.72
C TYR A 159 25.22 -9.92 -13.44
N ARG A 160 26.25 -10.46 -14.08
CA ARG A 160 26.09 -11.74 -14.75
C ARG A 160 25.62 -12.78 -13.77
N TYR A 161 24.76 -13.69 -14.22
CA TYR A 161 24.18 -14.65 -13.29
C TYR A 161 23.83 -15.92 -14.05
N TRP A 162 22.85 -15.86 -14.93
CA TRP A 162 22.47 -17.04 -15.72
C TRP A 162 23.42 -17.26 -16.87
N ASP A 163 23.96 -18.49 -16.96
CA ASP A 163 24.82 -18.92 -18.07
C ASP A 163 23.98 -19.87 -18.92
N ALA A 164 23.61 -19.43 -20.12
CA ALA A 164 22.64 -20.16 -20.93
C ALA A 164 23.26 -21.41 -21.54
N GLU A 165 24.57 -21.40 -21.72
CA GLU A 165 25.25 -22.54 -22.34
C GLU A 165 25.36 -23.70 -21.36
N LYS A 166 25.76 -23.42 -20.13
CA LYS A 166 25.87 -24.47 -19.12
C LYS A 166 24.60 -24.62 -18.28
N ARG A 167 23.59 -23.78 -18.50
CA ARG A 167 22.34 -23.81 -17.75
C ARG A 167 22.61 -23.80 -16.25
N GLY A 168 23.27 -22.75 -15.80
CA GLY A 168 23.65 -22.68 -14.40
C GLY A 168 24.18 -21.30 -14.07
N LEU A 169 24.73 -21.19 -12.87
CA LEU A 169 25.22 -19.92 -12.34
C LEU A 169 26.59 -19.59 -12.93
N ASP A 170 26.73 -18.37 -13.45
CA ASP A 170 28.02 -17.86 -13.91
C ASP A 170 28.70 -17.17 -12.73
N LEU A 171 29.25 -17.98 -11.81
CA LEU A 171 29.80 -17.40 -10.59
C LEU A 171 30.96 -16.47 -10.87
N GLN A 172 31.80 -16.82 -11.86
CA GLN A 172 32.96 -15.96 -12.14
C GLN A 172 32.53 -14.60 -12.70
N GLY A 173 31.56 -14.58 -13.61
CA GLY A 173 31.05 -13.31 -14.10
C GLY A 173 30.41 -12.49 -12.99
N PHE A 174 29.61 -13.14 -12.15
CA PHE A 174 29.00 -12.51 -10.98
C PHE A 174 30.06 -11.86 -10.10
N LEU A 175 31.11 -12.61 -9.77
CA LEU A 175 32.14 -12.09 -8.87
C LEU A 175 32.95 -10.95 -9.51
N ASN A 176 33.21 -11.05 -10.82
CA ASN A 176 33.95 -10.00 -11.50
C ASN A 176 33.14 -8.71 -11.58
N ASP A 177 31.82 -8.83 -11.81
CA ASP A 177 30.99 -7.63 -11.82
C ASP A 177 30.94 -6.96 -10.46
N LEU A 178 30.92 -7.75 -9.38
CA LEU A 178 30.96 -7.15 -8.04
C LEU A 178 32.30 -6.49 -7.76
N GLU A 179 33.39 -7.08 -8.26
CA GLU A 179 34.73 -6.51 -8.03
C GLU A 179 34.87 -5.13 -8.65
N ASN A 180 34.24 -4.91 -9.81
CA ASN A 180 34.34 -3.65 -10.52
C ASN A 180 33.30 -2.63 -10.08
N ALA A 181 32.36 -3.01 -9.22
CA ALA A 181 31.35 -2.06 -8.77
C ALA A 181 32.00 -0.97 -7.90
N PRO A 182 31.59 0.29 -8.05
CA PRO A 182 32.08 1.32 -7.13
C PRO A 182 31.69 0.99 -5.70
N GLU A 183 32.55 1.38 -4.76
CA GLU A 183 32.26 1.12 -3.36
C GLU A 183 30.91 1.71 -2.98
N PHE A 184 30.20 1.01 -2.09
CA PHE A 184 28.87 1.33 -1.58
C PHE A 184 27.75 1.13 -2.60
N SER A 185 28.03 0.53 -3.76
CA SER A 185 26.96 0.16 -4.67
C SER A 185 25.96 -0.78 -3.97
N ILE A 186 24.71 -0.73 -4.41
CA ILE A 186 23.64 -1.54 -3.84
C ILE A 186 23.52 -2.80 -4.69
N VAL A 187 23.43 -3.95 -4.04
CA VAL A 187 23.31 -5.22 -4.73
C VAL A 187 22.04 -5.91 -4.26
N VAL A 188 21.09 -6.10 -5.17
CA VAL A 188 19.84 -6.79 -4.91
C VAL A 188 20.10 -8.28 -5.08
N LEU A 189 20.01 -9.03 -3.97
CA LEU A 189 20.30 -10.45 -3.94
C LEU A 189 19.02 -11.25 -3.68
N HIS A 190 18.83 -12.34 -4.43
CA HIS A 190 17.71 -13.24 -4.15
C HIS A 190 18.13 -14.19 -3.04
N ALA A 191 17.41 -14.16 -1.91
CA ALA A 191 17.86 -14.93 -0.75
C ALA A 191 17.85 -16.43 -1.05
N CYS A 192 16.89 -16.88 -1.84
CA CYS A 192 16.74 -18.29 -2.21
C CYS A 192 15.68 -18.34 -3.30
N ALA A 193 15.65 -19.46 -4.01
CA ALA A 193 14.71 -19.64 -5.12
C ALA A 193 14.74 -18.44 -6.07
N HIS A 194 15.87 -18.31 -6.76
CA HIS A 194 16.05 -17.22 -7.69
C HIS A 194 14.92 -17.16 -8.71
N ASN A 195 14.37 -15.98 -8.89
CA ASN A 195 13.30 -15.72 -9.84
C ASN A 195 13.86 -14.85 -10.94
N PRO A 196 13.85 -15.27 -12.21
CA PRO A 196 13.11 -16.39 -12.81
C PRO A 196 13.84 -17.72 -13.01
N THR A 197 15.14 -17.80 -12.72
CA THR A 197 15.90 -18.96 -13.21
C THR A 197 15.76 -20.19 -12.33
N GLY A 198 15.53 -20.00 -11.03
CA GLY A 198 15.53 -21.11 -10.10
C GLY A 198 16.88 -21.53 -9.56
N ILE A 199 17.98 -21.04 -10.11
CA ILE A 199 19.31 -21.50 -9.70
C ILE A 199 19.86 -20.54 -8.66
N ASP A 200 20.30 -21.09 -7.52
CA ASP A 200 20.84 -20.37 -6.38
C ASP A 200 22.33 -20.66 -6.21
N PRO A 201 23.09 -19.71 -5.71
CA PRO A 201 24.45 -20.03 -5.24
C PRO A 201 24.38 -21.04 -4.10
N THR A 202 25.32 -21.98 -4.11
CA THR A 202 25.51 -22.86 -2.99
C THR A 202 26.06 -22.08 -1.79
N PRO A 203 25.95 -22.62 -0.59
CA PRO A 203 26.57 -21.94 0.56
C PRO A 203 28.04 -21.59 0.35
N GLU A 204 28.86 -22.49 -0.20
CA GLU A 204 30.25 -22.11 -0.43
C GLU A 204 30.35 -21.02 -1.51
N GLN A 205 29.45 -21.02 -2.50
CA GLN A 205 29.44 -19.91 -3.46
C GLN A 205 28.99 -18.62 -2.79
N TRP A 206 28.03 -18.68 -1.87
CA TRP A 206 27.63 -17.48 -1.14
C TRP A 206 28.78 -16.88 -0.34
N LYS A 207 29.69 -17.72 0.14
CA LYS A 207 30.82 -17.19 0.90
C LYS A 207 31.75 -16.38 0.02
N GLN A 208 31.92 -16.79 -1.24
CA GLN A 208 32.72 -16.00 -2.18
C GLN A 208 32.02 -14.70 -2.56
N ILE A 209 30.70 -14.72 -2.73
CA ILE A 209 29.96 -13.49 -3.01
C ILE A 209 30.11 -12.53 -1.84
N ALA A 210 29.91 -13.02 -0.62
CA ALA A 210 30.01 -12.15 0.55
C ALA A 210 31.41 -11.57 0.69
N SER A 211 32.43 -12.34 0.32
CA SER A 211 33.80 -11.86 0.43
C SER A 211 34.02 -10.62 -0.44
N VAL A 212 33.60 -10.68 -1.70
CA VAL A 212 33.74 -9.54 -2.59
C VAL A 212 32.92 -8.35 -2.08
N MET A 213 31.68 -8.60 -1.67
CA MET A 213 30.83 -7.51 -1.20
C MET A 213 31.39 -6.86 0.06
N LYS A 214 31.99 -7.66 0.94
CA LYS A 214 32.62 -7.12 2.14
C LYS A 214 33.82 -6.25 1.78
N HIS A 215 34.64 -6.71 0.85
CA HIS A 215 35.84 -5.97 0.47
C HIS A 215 35.50 -4.66 -0.23
N ARG A 216 34.41 -4.61 -1.00
CA ARG A 216 34.06 -3.42 -1.76
C ARG A 216 32.97 -2.59 -1.07
N PHE A 217 32.62 -2.92 0.17
CA PHE A 217 31.62 -2.19 0.94
C PHE A 217 30.28 -2.12 0.18
N LEU A 218 29.89 -3.22 -0.44
CA LEU A 218 28.64 -3.24 -1.18
C LEU A 218 27.48 -3.48 -0.22
N PHE A 219 26.35 -2.82 -0.50
CA PHE A 219 25.18 -2.92 0.38
C PHE A 219 24.28 -4.05 -0.08
N PRO A 220 24.10 -5.11 0.70
CA PRO A 220 23.15 -6.17 0.31
C PRO A 220 21.71 -5.73 0.55
N PHE A 221 20.90 -5.84 -0.48
CA PHE A 221 19.46 -5.65 -0.37
C PHE A 221 18.87 -7.01 -0.76
N PHE A 222 18.62 -7.83 0.25
CA PHE A 222 18.06 -9.16 0.00
C PHE A 222 16.58 -9.07 -0.37
N ASP A 223 16.18 -9.87 -1.34
CA ASP A 223 14.77 -10.08 -1.68
C ASP A 223 14.45 -11.50 -1.24
N SER A 224 13.66 -11.63 -0.18
CA SER A 224 13.33 -12.92 0.42
C SER A 224 11.83 -13.17 0.21
N ALA A 225 11.49 -13.62 -1.00
CA ALA A 225 10.10 -13.85 -1.34
C ALA A 225 9.65 -15.29 -1.16
N TYR A 226 10.57 -16.22 -0.89
CA TYR A 226 10.19 -17.62 -0.93
C TYR A 226 10.71 -18.42 0.26
N GLN A 227 10.88 -17.79 1.42
CA GLN A 227 11.45 -18.53 2.54
C GLN A 227 10.51 -19.67 2.95
N GLY A 228 11.07 -20.86 3.05
CA GLY A 228 10.28 -22.04 3.41
C GLY A 228 9.60 -22.65 2.21
N PHE A 229 8.97 -21.80 1.40
CA PHE A 229 8.34 -22.26 0.15
C PHE A 229 9.36 -22.88 -0.79
N ALA A 230 10.56 -22.31 -0.83
CA ALA A 230 11.56 -22.71 -1.83
C ALA A 230 11.96 -24.17 -1.68
N SER A 231 12.32 -24.57 -0.46
CA SER A 231 12.83 -25.92 -0.24
C SER A 231 12.05 -26.71 0.80
N GLY A 232 11.09 -26.10 1.49
CA GLY A 232 10.38 -26.75 2.56
C GLY A 232 11.03 -26.62 3.91
N ASN A 233 12.25 -26.07 3.98
CA ASN A 233 12.98 -25.91 5.23
C ASN A 233 13.29 -24.43 5.43
N LEU A 234 12.69 -23.84 6.46
CA LEU A 234 12.86 -22.41 6.72
C LEU A 234 14.30 -22.05 7.04
N GLU A 235 15.01 -22.92 7.77
CA GLU A 235 16.39 -22.64 8.16
C GLU A 235 17.31 -22.61 6.95
N ARG A 236 17.22 -23.64 6.10
CA ARG A 236 18.06 -23.69 4.90
C ARG A 236 17.77 -22.52 3.97
N ASP A 237 16.50 -22.13 3.85
CA ASP A 237 16.19 -21.06 2.91
C ASP A 237 16.72 -19.72 3.38
N ALA A 238 17.05 -19.59 4.66
CA ALA A 238 17.54 -18.33 5.21
C ALA A 238 19.04 -18.35 5.46
N TRP A 239 19.72 -19.42 5.01
CA TRP A 239 21.14 -19.57 5.32
C TRP A 239 21.93 -18.37 4.83
N ALA A 240 21.69 -17.93 3.59
CA ALA A 240 22.47 -16.81 3.05
C ALA A 240 22.28 -15.55 3.88
N ILE A 241 21.03 -15.23 4.26
CA ILE A 241 20.78 -14.06 5.07
C ILE A 241 21.51 -14.17 6.40
N ARG A 242 21.42 -15.33 7.04
CA ARG A 242 22.01 -15.48 8.36
C ARG A 242 23.53 -15.50 8.30
N TYR A 243 24.10 -15.96 7.19
CA TYR A 243 25.55 -15.87 7.02
C TYR A 243 26.00 -14.42 6.88
N PHE A 244 25.23 -13.61 6.15
CA PHE A 244 25.58 -12.19 6.06
C PHE A 244 25.48 -11.51 7.42
N VAL A 245 24.55 -11.93 8.28
CA VAL A 245 24.49 -11.39 9.63
C VAL A 245 25.78 -11.74 10.39
N SER A 246 26.19 -13.01 10.35
CA SER A 246 27.37 -13.40 11.12
C SER A 246 28.66 -12.82 10.55
N GLU A 247 28.66 -12.42 9.28
CA GLU A 247 29.83 -11.78 8.70
C GLU A 247 29.87 -10.27 8.96
N GLY A 248 28.92 -9.74 9.71
CA GLY A 248 28.95 -8.35 10.11
C GLY A 248 28.33 -7.38 9.14
N PHE A 249 27.57 -7.85 8.16
CA PHE A 249 26.98 -6.94 7.20
C PHE A 249 25.86 -6.12 7.84
N GLU A 250 25.72 -4.89 7.37
CA GLU A 250 24.48 -4.15 7.49
C GLU A 250 23.72 -4.29 6.19
N PHE A 251 22.41 -4.44 6.27
CA PHE A 251 21.67 -4.74 5.06
C PHE A 251 20.17 -4.61 5.31
N PHE A 252 19.43 -4.59 4.19
CA PHE A 252 17.97 -4.69 4.17
C PHE A 252 17.57 -6.06 3.66
N CYS A 253 16.40 -6.51 4.08
CA CYS A 253 15.83 -7.76 3.55
C CYS A 253 14.33 -7.56 3.36
N ALA A 254 13.88 -7.55 2.12
CA ALA A 254 12.45 -7.42 1.82
C ALA A 254 11.82 -8.80 1.84
N GLN A 255 10.95 -9.04 2.82
CA GLN A 255 10.28 -10.32 2.97
C GLN A 255 8.86 -10.26 2.43
N SER A 256 8.47 -11.29 1.68
CA SER A 256 7.11 -11.45 1.21
C SER A 256 6.48 -12.69 1.85
N PHE A 257 5.22 -12.57 2.26
CA PHE A 257 4.48 -13.74 2.73
C PHE A 257 3.39 -14.13 1.74
N SER A 258 3.47 -13.64 0.52
CA SER A 258 2.49 -13.94 -0.50
C SER A 258 2.52 -15.42 -0.88
N LYS A 259 3.69 -15.94 -1.11
CA LYS A 259 3.84 -17.34 -1.48
C LYS A 259 3.84 -18.34 -0.38
N ASN A 260 4.64 -18.11 0.65
CA ASN A 260 4.75 -19.13 1.70
C ASN A 260 3.54 -19.21 2.62
N PHE A 261 2.67 -18.18 2.64
CA PHE A 261 1.36 -18.29 3.25
C PHE A 261 0.23 -18.38 2.23
N GLY A 262 0.54 -18.23 0.95
CA GLY A 262 -0.52 -18.15 -0.05
C GLY A 262 -1.39 -16.94 0.08
N LEU A 263 -0.95 -15.92 0.81
CA LEU A 263 -1.74 -14.72 1.08
C LEU A 263 -1.49 -13.62 0.06
N TYR A 264 -1.35 -14.01 -1.22
CA TYR A 264 -1.10 -13.08 -2.32
C TYR A 264 -1.91 -11.79 -2.21
N ASN A 265 -3.23 -11.92 -2.10
CA ASN A 265 -4.08 -10.73 -2.16
C ASN A 265 -4.27 -10.03 -0.81
N GLU A 266 -3.58 -10.45 0.24
CA GLU A 266 -3.64 -9.66 1.46
C GLU A 266 -2.42 -8.76 1.64
N ARG A 267 -1.43 -8.87 0.76
CA ARG A 267 -0.31 -7.92 0.65
C ARG A 267 0.44 -7.79 1.98
N VAL A 268 1.09 -8.90 2.37
CA VAL A 268 1.78 -9.02 3.64
C VAL A 268 3.27 -9.10 3.36
N GLY A 269 4.01 -8.07 3.77
CA GLY A 269 5.44 -8.08 3.63
C GLY A 269 6.09 -7.45 4.84
N ASN A 270 7.42 -7.57 4.90
CA ASN A 270 8.16 -6.97 6.01
C ASN A 270 9.53 -6.57 5.50
N LEU A 271 9.94 -5.33 5.78
CA LEU A 271 11.30 -4.90 5.51
C LEU A 271 12.10 -5.04 6.79
N THR A 272 13.01 -6.00 6.81
CA THR A 272 13.92 -6.21 7.93
C THR A 272 15.20 -5.42 7.69
N VAL A 273 15.62 -4.65 8.69
CA VAL A 273 16.83 -3.85 8.64
C VAL A 273 17.81 -4.37 9.69
N VAL A 274 19.03 -4.68 9.27
CA VAL A 274 20.09 -5.13 10.16
C VAL A 274 21.20 -4.09 10.12
N GLY A 275 21.53 -3.54 11.30
CA GLY A 275 22.55 -2.51 11.41
C GLY A 275 23.65 -2.87 12.40
N LYS A 276 24.64 -1.99 12.47
CA LYS A 276 25.78 -2.16 13.36
C LYS A 276 25.44 -1.74 14.79
N GLU A 277 24.52 -0.79 14.97
CA GLU A 277 24.31 -0.14 16.26
C GLU A 277 22.81 -0.02 16.53
N PRO A 278 22.37 -0.29 17.77
CA PRO A 278 20.93 -0.20 18.07
C PRO A 278 20.33 1.17 17.81
N GLU A 279 21.01 2.24 18.21
CA GLU A 279 20.34 3.53 18.21
C GLU A 279 20.22 4.13 16.81
N SER A 280 21.16 3.86 15.90
CA SER A 280 20.95 4.31 14.54
C SER A 280 19.84 3.53 13.83
N ILE A 281 19.54 2.30 14.27
CA ILE A 281 18.41 1.57 13.71
C ILE A 281 17.10 2.26 14.05
N LEU A 282 16.96 2.73 15.29
CA LEU A 282 15.77 3.47 15.68
C LEU A 282 15.59 4.71 14.82
N GLN A 283 16.69 5.37 14.45
CA GLN A 283 16.57 6.55 13.61
C GLN A 283 16.25 6.17 12.16
N VAL A 284 16.80 5.05 11.68
CA VAL A 284 16.37 4.52 10.39
C VAL A 284 14.85 4.30 10.38
N LEU A 285 14.32 3.65 11.42
CA LEU A 285 12.89 3.39 11.49
C LEU A 285 12.09 4.68 11.51
N SER A 286 12.59 5.71 12.21
CA SER A 286 11.87 6.97 12.25
C SER A 286 11.76 7.58 10.85
N GLN A 287 12.75 7.37 9.99
CA GLN A 287 12.68 7.86 8.63
C GLN A 287 11.79 6.97 7.77
N MET A 288 11.78 5.67 8.06
CA MET A 288 10.85 4.78 7.36
C MET A 288 9.40 5.19 7.62
N GLU A 289 9.11 5.66 8.83
CA GLU A 289 7.77 6.15 9.14
C GLU A 289 7.37 7.30 8.22
N LYS A 290 8.28 8.24 8.00
CA LYS A 290 7.98 9.37 7.12
C LYS A 290 7.65 8.90 5.72
N ILE A 291 8.39 7.89 5.24
CA ILE A 291 8.16 7.38 3.90
C ILE A 291 6.83 6.65 3.82
N VAL A 292 6.55 5.78 4.81
CA VAL A 292 5.26 5.08 4.84
C VAL A 292 4.12 6.10 4.88
N ARG A 293 4.26 7.14 5.69
CA ARG A 293 3.16 8.09 5.88
C ARG A 293 2.67 8.67 4.55
N ILE A 294 3.58 8.91 3.61
CA ILE A 294 3.21 9.54 2.35
C ILE A 294 2.98 8.51 1.23
N THR A 295 3.01 7.22 1.56
CA THR A 295 2.74 6.17 0.59
C THR A 295 1.40 5.49 0.86
N TRP A 296 1.26 4.84 2.02
CA TRP A 296 0.00 4.20 2.37
C TRP A 296 -0.48 4.56 3.75
N SER A 297 0.23 5.47 4.47
CA SER A 297 -0.12 5.99 5.79
C SER A 297 0.16 5.00 6.92
N ASN A 298 -0.47 3.82 6.84
CA ASN A 298 -0.27 2.72 7.78
C ASN A 298 -0.77 1.45 7.11
N PRO A 299 -0.29 0.28 7.51
CA PRO A 299 -0.49 -0.92 6.68
C PRO A 299 -1.76 -1.66 7.04
N PRO A 300 -2.26 -2.53 6.14
CA PRO A 300 -3.51 -3.25 6.44
C PRO A 300 -3.30 -4.34 7.48
N ALA A 301 -4.38 -4.68 8.18
CA ALA A 301 -4.24 -5.57 9.33
C ALA A 301 -4.43 -7.05 9.02
N GLN A 302 -5.31 -7.42 8.08
CA GLN A 302 -5.80 -8.80 8.08
C GLN A 302 -4.68 -9.80 7.79
N GLY A 303 -3.91 -9.58 6.73
CA GLY A 303 -2.84 -10.52 6.42
C GLY A 303 -1.77 -10.58 7.50
N ALA A 304 -1.40 -9.42 8.05
CA ALA A 304 -0.41 -9.41 9.14
C ALA A 304 -0.95 -10.14 10.37
N ARG A 305 -2.24 -10.00 10.65
CA ARG A 305 -2.82 -10.72 11.80
C ARG A 305 -2.75 -12.23 11.58
N ILE A 306 -2.98 -12.69 10.33
CA ILE A 306 -2.91 -14.12 10.04
C ILE A 306 -1.49 -14.63 10.27
N VAL A 307 -0.50 -13.93 9.72
CA VAL A 307 0.89 -14.36 9.84
C VAL A 307 1.35 -14.29 11.30
N ALA A 308 1.05 -13.18 11.97
CA ALA A 308 1.43 -13.06 13.38
C ALA A 308 0.81 -14.16 14.23
N SER A 309 -0.49 -14.43 14.03
CA SER A 309 -1.15 -15.47 14.82
C SER A 309 -0.49 -16.82 14.59
N THR A 310 -0.11 -17.09 13.35
CA THR A 310 0.52 -18.35 13.00
C THR A 310 1.91 -18.46 13.58
N LEU A 311 2.75 -17.44 13.36
CA LEU A 311 4.14 -17.52 13.79
C LEU A 311 4.32 -17.45 15.30
N SER A 312 3.36 -16.90 16.05
CA SER A 312 3.54 -16.77 17.49
C SER A 312 2.93 -17.92 18.28
N ASN A 313 2.30 -18.89 17.62
CA ASN A 313 1.65 -20.03 18.27
C ASN A 313 2.32 -21.32 17.82
N PRO A 314 2.92 -22.11 18.72
CA PRO A 314 3.68 -23.31 18.29
C PRO A 314 2.85 -24.30 17.49
N GLU A 315 1.58 -24.50 17.85
CA GLU A 315 0.72 -25.47 17.17
C GLU A 315 0.38 -25.01 15.76
N LEU A 316 0.12 -23.71 15.58
CA LEU A 316 -0.17 -23.19 14.25
C LEU A 316 1.07 -23.14 13.38
N PHE A 317 2.20 -22.75 13.99
CA PHE A 317 3.47 -22.71 13.27
C PHE A 317 3.79 -24.10 12.69
N GLU A 318 3.61 -25.16 13.48
CA GLU A 318 3.91 -26.49 12.96
C GLU A 318 2.92 -26.88 11.86
N GLU A 319 1.66 -26.47 11.95
CA GLU A 319 0.72 -26.78 10.89
C GLU A 319 1.13 -26.03 9.64
N TRP A 320 1.51 -24.79 9.81
CA TRP A 320 1.93 -23.99 8.68
C TRP A 320 3.15 -24.59 7.99
N THR A 321 4.16 -24.97 8.76
CA THR A 321 5.35 -25.57 8.14
C THR A 321 5.01 -26.87 7.40
N GLY A 322 4.05 -27.64 7.93
CA GLY A 322 3.59 -28.82 7.19
C GLY A 322 2.92 -28.44 5.88
N ASN A 323 2.08 -27.39 5.90
CA ASN A 323 1.43 -26.91 4.68
C ASN A 323 2.47 -26.43 3.68
N VAL A 324 3.47 -25.68 4.14
CA VAL A 324 4.50 -25.19 3.23
C VAL A 324 5.27 -26.35 2.62
N LYS A 325 5.61 -27.35 3.44
CA LYS A 325 6.31 -28.53 2.93
C LYS A 325 5.49 -29.26 1.86
N THR A 326 4.16 -29.29 1.99
CA THR A 326 3.32 -29.90 0.97
C THR A 326 3.51 -29.24 -0.40
N MET A 327 3.56 -27.90 -0.43
CA MET A 327 3.79 -27.19 -1.69
C MET A 327 5.20 -27.43 -2.20
N ALA A 328 6.20 -27.35 -1.32
CA ALA A 328 7.59 -27.53 -1.74
C ALA A 328 7.80 -28.95 -2.28
N ASP A 329 7.20 -29.93 -1.63
CA ASP A 329 7.35 -31.32 -2.07
C ASP A 329 6.72 -31.56 -3.43
N ARG A 330 5.58 -30.92 -3.71
CA ARG A 330 4.95 -31.13 -5.02
C ARG A 330 5.81 -30.55 -6.14
N ILE A 331 6.34 -29.35 -5.91
CA ILE A 331 7.25 -28.73 -6.87
C ILE A 331 8.48 -29.61 -7.05
N LEU A 332 9.04 -30.10 -5.95
CA LEU A 332 10.21 -30.98 -6.04
C LEU A 332 9.90 -32.21 -6.88
N THR A 333 8.71 -32.78 -6.70
CA THR A 333 8.32 -33.97 -7.45
C THR A 333 8.14 -33.66 -8.94
N MET A 334 7.45 -32.56 -9.26
CA MET A 334 7.31 -32.19 -10.67
C MET A 334 8.66 -31.98 -11.35
N ARG A 335 9.63 -31.38 -10.64
CA ARG A 335 10.96 -31.24 -11.22
C ARG A 335 11.58 -32.61 -11.50
N SER A 336 11.57 -33.49 -10.51
CA SER A 336 12.16 -34.82 -10.68
C SER A 336 11.48 -35.60 -11.81
N GLU A 337 10.15 -35.55 -11.86
CA GLU A 337 9.42 -36.26 -12.91
C GLU A 337 9.71 -35.69 -14.30
N LEU A 338 9.77 -34.35 -14.41
CA LEU A 338 10.06 -33.77 -15.72
C LEU A 338 11.46 -34.16 -16.18
N ARG A 339 12.45 -34.05 -15.29
CA ARG A 339 13.81 -34.46 -15.64
C ARG A 339 13.82 -35.93 -16.05
N ALA A 340 13.23 -36.79 -15.23
CA ALA A 340 13.29 -38.23 -15.49
C ALA A 340 12.64 -38.58 -16.84
N ARG A 341 11.55 -37.89 -17.18
CA ARG A 341 10.87 -38.17 -18.44
C ARG A 341 11.69 -37.67 -19.63
N LEU A 342 12.33 -36.51 -19.50
CA LEU A 342 13.17 -36.00 -20.60
C LEU A 342 14.39 -36.89 -20.81
N GLU A 343 14.99 -37.38 -19.73
CA GLU A 343 16.14 -38.28 -19.86
C GLU A 343 15.71 -39.65 -20.40
N ALA A 344 14.51 -40.11 -20.05
CA ALA A 344 14.00 -41.37 -20.60
C ALA A 344 13.77 -41.25 -22.10
N LEU A 345 13.32 -40.08 -22.56
CA LEU A 345 13.18 -39.84 -23.99
C LEU A 345 14.52 -39.57 -24.68
N LYS A 346 15.64 -39.67 -23.95
CA LYS A 346 16.98 -39.38 -24.49
C LYS A 346 17.03 -37.99 -25.12
N THR A 347 16.45 -37.00 -24.43
CA THR A 347 16.44 -35.65 -24.94
C THR A 347 17.87 -35.10 -24.99
N PRO A 348 18.29 -34.48 -26.10
CA PRO A 348 19.67 -33.97 -26.17
C PRO A 348 19.94 -32.93 -25.10
N GLY A 349 21.23 -32.79 -24.77
CA GLY A 349 21.65 -31.90 -23.71
C GLY A 349 21.54 -32.55 -22.35
N THR A 350 21.92 -31.79 -21.32
CA THR A 350 21.79 -32.24 -19.95
C THR A 350 20.56 -31.59 -19.32
N TRP A 351 20.03 -32.26 -18.29
CA TRP A 351 18.80 -31.78 -17.66
C TRP A 351 18.87 -31.82 -16.14
N ASN A 352 20.07 -31.91 -15.56
CA ASN A 352 20.17 -31.82 -14.11
C ASN A 352 19.86 -30.41 -13.61
N HIS A 353 19.86 -29.41 -14.48
CA HIS A 353 19.47 -28.07 -14.02
C HIS A 353 18.01 -28.05 -13.59
N ILE A 354 17.19 -28.94 -14.16
CA ILE A 354 15.78 -29.02 -13.76
C ILE A 354 15.67 -29.35 -12.27
N THR A 355 16.53 -30.23 -11.76
CA THR A 355 16.50 -30.57 -10.35
C THR A 355 17.54 -29.83 -9.51
N ASP A 356 18.55 -29.21 -10.13
CA ASP A 356 19.46 -28.35 -9.36
C ASP A 356 18.75 -27.08 -8.92
N GLN A 357 17.84 -26.59 -9.74
CA GLN A 357 17.05 -25.41 -9.42
C GLN A 357 16.09 -25.72 -8.28
N ILE A 358 15.70 -24.67 -7.56
CA ILE A 358 14.71 -24.82 -6.50
C ILE A 358 13.66 -23.73 -6.64
N GLY A 359 12.47 -24.04 -6.14
CA GLY A 359 11.38 -23.08 -6.11
C GLY A 359 10.44 -23.26 -7.28
N MET A 360 9.49 -22.33 -7.35
CA MET A 360 8.37 -22.45 -8.28
C MET A 360 8.78 -22.21 -9.72
N PHE A 361 9.84 -21.46 -9.98
CA PHE A 361 10.16 -21.02 -11.32
C PHE A 361 11.44 -21.69 -11.81
N SER A 362 11.45 -22.04 -13.10
CA SER A 362 12.57 -22.77 -13.68
C SER A 362 12.92 -22.18 -15.03
N PHE A 363 14.20 -21.90 -15.24
CA PHE A 363 14.69 -21.63 -16.60
C PHE A 363 14.95 -22.99 -17.25
N THR A 364 14.16 -23.33 -18.25
CA THR A 364 14.29 -24.64 -18.88
C THR A 364 15.52 -24.74 -19.77
N GLY A 365 16.11 -23.62 -20.15
CA GLY A 365 17.23 -23.65 -21.06
C GLY A 365 16.85 -23.72 -22.53
N LEU A 366 15.55 -23.71 -22.85
CA LEU A 366 15.12 -23.65 -24.23
C LEU A 366 15.36 -22.25 -24.79
N ASN A 367 15.68 -22.18 -26.08
CA ASN A 367 15.88 -20.90 -26.74
C ASN A 367 14.56 -20.40 -27.32
N PRO A 368 14.51 -19.14 -27.78
CA PRO A 368 13.21 -18.60 -28.24
C PRO A 368 12.57 -19.37 -29.39
N LYS A 369 13.35 -19.92 -30.32
CA LYS A 369 12.75 -20.72 -31.39
C LYS A 369 12.06 -21.96 -30.82
N GLN A 370 12.69 -22.59 -29.83
CA GLN A 370 12.11 -23.78 -29.21
C GLN A 370 10.86 -23.42 -28.41
N VAL A 371 10.88 -22.29 -27.69
CA VAL A 371 9.66 -21.86 -27.01
C VAL A 371 8.55 -21.60 -28.02
N GLU A 372 8.89 -20.97 -29.15
CA GLU A 372 7.87 -20.65 -30.15
C GLU A 372 7.17 -21.92 -30.65
N TYR A 373 7.94 -23.00 -30.81
CA TYR A 373 7.34 -24.29 -31.16
C TYR A 373 6.34 -24.73 -30.09
N LEU A 374 6.78 -24.71 -28.83
CA LEU A 374 5.90 -25.14 -27.74
C LEU A 374 4.60 -24.34 -27.72
N VAL A 375 4.70 -23.03 -27.90
CA VAL A 375 3.49 -22.19 -27.81
C VAL A 375 2.61 -22.40 -29.05
N ASN A 376 3.19 -22.31 -30.24
CA ASN A 376 2.39 -22.29 -31.45
C ASN A 376 1.93 -23.68 -31.86
N GLU A 377 2.82 -24.68 -31.78
CA GLU A 377 2.47 -26.02 -32.25
C GLU A 377 1.87 -26.89 -31.16
N LYS A 378 2.39 -26.82 -29.93
CA LYS A 378 1.92 -27.69 -28.86
C LYS A 378 1.00 -26.99 -27.87
N HIS A 379 0.85 -25.67 -27.96
CA HIS A 379 -0.06 -24.90 -27.10
C HIS A 379 0.34 -25.00 -25.62
N ILE A 380 1.64 -25.09 -25.38
CA ILE A 380 2.23 -25.01 -24.04
C ILE A 380 2.70 -23.58 -23.87
N TYR A 381 2.06 -22.84 -22.98
CA TYR A 381 2.29 -21.40 -22.86
C TYR A 381 3.36 -21.11 -21.82
N LEU A 382 4.45 -20.50 -22.26
CA LEU A 382 5.54 -20.09 -21.41
C LEU A 382 6.20 -18.88 -22.03
N LEU A 383 7.06 -18.22 -21.26
CA LEU A 383 7.64 -16.99 -21.76
C LEU A 383 8.76 -17.27 -22.76
N PRO A 384 9.02 -16.34 -23.68
CA PRO A 384 10.11 -16.54 -24.65
C PRO A 384 11.46 -16.81 -24.01
N SER A 385 11.68 -16.39 -22.77
CA SER A 385 12.89 -16.68 -22.01
C SER A 385 13.03 -18.15 -21.64
N GLY A 386 11.98 -18.96 -21.83
CA GLY A 386 12.04 -20.33 -21.37
C GLY A 386 11.68 -20.55 -19.92
N ARG A 387 11.25 -19.51 -19.21
CA ARG A 387 10.80 -19.71 -17.83
C ARG A 387 9.47 -20.47 -17.80
N ILE A 388 9.38 -21.46 -16.92
CA ILE A 388 8.12 -22.12 -16.62
C ILE A 388 7.85 -22.02 -15.12
N ASN A 389 6.57 -21.99 -14.77
CA ASN A 389 6.10 -22.23 -13.41
C ASN A 389 5.98 -23.73 -13.24
N VAL A 390 6.84 -24.31 -12.39
CA VAL A 390 6.89 -25.75 -12.22
C VAL A 390 5.58 -26.31 -11.65
N SER A 391 4.87 -25.51 -10.84
CA SER A 391 3.58 -26.00 -10.35
C SER A 391 2.51 -25.99 -11.44
N GLY A 392 2.80 -25.47 -12.63
CA GLY A 392 1.93 -25.66 -13.77
C GLY A 392 1.99 -27.06 -14.34
N LEU A 393 3.00 -27.85 -13.97
CA LEU A 393 3.05 -29.25 -14.35
C LEU A 393 2.18 -30.09 -13.41
N THR A 394 1.55 -31.11 -13.97
CA THR A 394 0.66 -31.98 -13.19
C THR A 394 0.91 -33.41 -13.62
N THR A 395 0.46 -34.35 -12.79
CA THR A 395 0.52 -35.75 -13.20
C THR A 395 -0.15 -35.98 -14.54
N LYS A 396 -1.19 -35.21 -14.85
CA LYS A 396 -1.92 -35.44 -16.10
C LYS A 396 -1.21 -34.87 -17.32
N ASN A 397 -0.53 -33.72 -17.19
CA ASN A 397 0.09 -33.10 -18.36
C ASN A 397 1.59 -33.38 -18.50
N LEU A 398 2.20 -34.12 -17.57
CA LEU A 398 3.66 -34.20 -17.54
C LEU A 398 4.22 -34.92 -18.77
N ASP A 399 3.53 -35.96 -19.25
CA ASP A 399 4.05 -36.65 -20.43
C ASP A 399 3.90 -35.80 -21.68
N TYR A 400 2.78 -35.10 -21.81
CA TYR A 400 2.60 -34.22 -22.96
C TYR A 400 3.65 -33.11 -22.97
N VAL A 401 3.94 -32.52 -21.81
CA VAL A 401 4.92 -31.43 -21.75
C VAL A 401 6.32 -31.97 -22.05
N ALA A 402 6.70 -33.10 -21.45
CA ALA A 402 8.03 -33.66 -21.68
C ALA A 402 8.19 -34.10 -23.13
N THR A 403 7.17 -34.74 -23.70
CA THR A 403 7.23 -35.14 -25.10
C THR A 403 7.35 -33.92 -26.00
N SER A 404 6.67 -32.83 -25.65
CA SER A 404 6.72 -31.63 -26.48
C SER A 404 8.08 -30.96 -26.38
N ILE A 405 8.66 -30.92 -25.19
CA ILE A 405 10.01 -30.37 -25.05
C ILE A 405 11.01 -31.23 -25.81
N HIS A 406 10.83 -32.55 -25.79
CA HIS A 406 11.68 -33.42 -26.59
C HIS A 406 11.59 -33.06 -28.06
N GLU A 407 10.38 -32.89 -28.59
CA GLU A 407 10.21 -32.49 -29.98
C GLU A 407 10.92 -31.17 -30.26
N ALA A 408 10.69 -30.17 -29.41
CA ALA A 408 11.25 -28.84 -29.64
C ALA A 408 12.77 -28.88 -29.71
N VAL A 409 13.39 -29.65 -28.81
CA VAL A 409 14.85 -29.70 -28.75
C VAL A 409 15.41 -30.45 -29.94
N THR A 410 14.72 -31.50 -30.37
CA THR A 410 15.22 -32.31 -31.47
C THR A 410 14.91 -31.69 -32.83
N LYS A 411 13.76 -31.03 -32.97
CA LYS A 411 13.41 -30.43 -34.25
C LYS A 411 14.13 -29.12 -34.50
N ILE A 412 14.44 -28.36 -33.45
CA ILE A 412 14.95 -27.00 -33.60
C ILE A 412 16.29 -26.88 -32.90
N GLN A 413 17.31 -26.47 -33.64
CA GLN A 413 18.66 -26.35 -33.11
C GLN A 413 18.82 -25.10 -32.23
N PRO B 3 35.16 1.64 11.21
CA PRO B 3 34.12 1.68 10.18
C PRO B 3 32.77 1.90 10.80
N PRO B 4 32.24 3.11 10.61
CA PRO B 4 30.95 3.49 11.15
C PRO B 4 29.83 2.85 10.37
N SER B 5 28.68 2.77 11.00
CA SER B 5 27.48 2.27 10.38
C SER B 5 27.12 3.13 9.17
N VAL B 6 26.69 2.49 8.08
CA VAL B 6 26.18 3.25 6.94
C VAL B 6 24.95 4.06 7.31
N PHE B 7 24.36 3.81 8.48
CA PHE B 7 23.21 4.54 9.00
C PHE B 7 23.59 5.55 10.07
N ALA B 8 24.90 5.77 10.29
CA ALA B 8 25.33 6.55 11.46
C ALA B 8 24.86 8.00 11.41
N GLU B 9 24.72 8.56 10.22
CA GLU B 9 24.35 9.96 10.09
C GLU B 9 22.86 10.17 9.85
N VAL B 10 22.05 9.12 9.93
CA VAL B 10 20.62 9.24 9.73
C VAL B 10 20.02 9.93 10.95
N PRO B 11 19.39 11.08 10.76
CA PRO B 11 18.84 11.83 11.90
C PRO B 11 17.49 11.28 12.33
N GLN B 12 17.11 11.64 13.55
CA GLN B 12 15.80 11.28 14.09
C GLN B 12 14.74 12.15 13.44
N ALA B 13 13.75 11.51 12.81
CA ALA B 13 12.70 12.25 12.12
C ALA B 13 11.95 13.17 13.10
N GLN B 14 11.43 14.26 12.55
CA GLN B 14 10.59 15.18 13.31
C GLN B 14 9.39 14.45 13.90
N ARG B 15 9.09 14.75 15.17
CA ARG B 15 7.96 14.15 15.84
C ARG B 15 6.64 14.72 15.33
N VAL B 16 5.62 13.87 15.29
CA VAL B 16 4.28 14.29 14.89
C VAL B 16 3.55 14.85 16.10
N LEU B 17 2.98 16.05 15.96
CA LEU B 17 2.34 16.72 17.07
C LEU B 17 1.22 15.87 17.68
N VAL B 18 0.37 15.31 16.84
CA VAL B 18 -0.75 14.49 17.30
C VAL B 18 -0.25 13.32 18.13
N PHE B 19 0.82 12.66 17.67
CA PHE B 19 1.36 11.49 18.37
C PHE B 19 1.81 11.85 19.78
N LYS B 20 2.60 12.92 19.91
CA LYS B 20 3.09 13.32 21.23
C LYS B 20 1.94 13.74 22.14
N LEU B 21 0.94 14.41 21.58
CA LEU B 21 -0.22 14.82 22.37
C LEU B 21 -0.91 13.61 22.99
N THR B 22 -1.12 12.56 22.21
CA THR B 22 -1.76 11.36 22.74
C THR B 22 -0.86 10.67 23.76
N ALA B 23 0.45 10.64 23.52
CA ALA B 23 1.36 10.09 24.52
C ALA B 23 1.31 10.87 25.82
N ASP B 24 1.27 12.21 25.74
CA ASP B 24 1.12 13.03 26.93
C ASP B 24 -0.19 12.73 27.66
N PHE B 25 -1.31 12.62 26.93
CA PHE B 25 -2.58 12.29 27.57
C PHE B 25 -2.51 10.94 28.29
N ARG B 26 -1.91 9.94 27.64
CA ARG B 26 -1.85 8.61 28.22
C ARG B 26 -1.13 8.61 29.57
N GLU B 27 -0.05 9.37 29.68
CA GLU B 27 0.75 9.43 30.90
C GLU B 27 0.17 10.37 31.97
N ASP B 28 -0.97 11.01 31.71
CA ASP B 28 -1.51 12.00 32.64
C ASP B 28 -2.34 11.31 33.71
N PRO B 29 -1.99 11.46 35.00
CA PRO B 29 -2.79 10.82 36.06
C PRO B 29 -4.05 11.57 36.45
N ASP B 30 -4.24 12.81 36.00
CA ASP B 30 -5.39 13.57 36.46
C ASP B 30 -6.68 12.88 36.04
N PRO B 31 -7.61 12.62 36.98
CA PRO B 31 -8.84 11.91 36.63
C PRO B 31 -9.83 12.73 35.80
N ARG B 32 -9.59 14.03 35.59
CA ARG B 32 -10.47 14.82 34.74
C ARG B 32 -10.06 14.81 33.27
N LYS B 33 -8.95 14.17 32.93
CA LYS B 33 -8.37 14.34 31.60
C LYS B 33 -9.30 13.88 30.48
N VAL B 34 -9.22 14.59 29.35
CA VAL B 34 -10.05 14.33 28.18
C VAL B 34 -9.15 14.44 26.94
N ASN B 35 -9.23 13.45 26.04
CA ASN B 35 -8.48 13.51 24.80
C ASN B 35 -9.42 13.95 23.69
N LEU B 36 -9.26 15.19 23.22
CA LEU B 36 -9.99 15.70 22.06
C LEU B 36 -9.14 15.66 20.80
N GLY B 37 -8.03 14.94 20.81
CA GLY B 37 -7.16 14.85 19.67
C GLY B 37 -7.10 13.46 19.04
N VAL B 38 -8.06 12.59 19.36
CA VAL B 38 -8.11 11.29 18.68
C VAL B 38 -8.38 11.53 17.19
N GLY B 39 -7.83 10.66 16.34
CA GLY B 39 -8.00 10.84 14.92
C GLY B 39 -9.02 9.90 14.29
N ALA B 40 -10.01 9.47 15.08
CA ALA B 40 -10.96 8.44 14.66
C ALA B 40 -12.23 8.60 15.48
N TYR B 41 -13.28 7.93 15.02
CA TYR B 41 -14.57 7.99 15.71
C TYR B 41 -14.52 7.21 17.01
N ARG B 42 -15.11 7.80 18.06
CA ARG B 42 -15.25 7.14 19.35
C ARG B 42 -16.69 7.31 19.85
N THR B 43 -17.14 6.32 20.62
CA THR B 43 -18.50 6.28 21.15
C THR B 43 -18.61 7.16 22.39
N ASP B 44 -19.81 7.21 22.96
CA ASP B 44 -20.03 7.95 24.19
C ASP B 44 -19.27 7.36 25.38
N ASP B 45 -18.81 6.11 25.27
CA ASP B 45 -17.96 5.49 26.29
C ASP B 45 -16.48 5.55 25.94
N CYS B 46 -16.09 6.40 24.99
CA CYS B 46 -14.70 6.62 24.59
C CYS B 46 -14.09 5.39 23.94
N HIS B 47 -14.89 4.55 23.31
CA HIS B 47 -14.38 3.34 22.70
C HIS B 47 -14.45 3.42 21.17
N PRO B 48 -13.62 2.65 20.48
CA PRO B 48 -13.84 2.41 19.05
C PRO B 48 -15.19 1.73 18.83
N TRP B 49 -15.70 1.83 17.60
CA TRP B 49 -16.97 1.21 17.24
C TRP B 49 -16.82 0.50 15.90
N VAL B 50 -16.85 -0.83 15.93
CA VAL B 50 -16.95 -1.60 14.69
C VAL B 50 -18.40 -1.56 14.24
N LEU B 51 -18.64 -1.15 13.00
CA LEU B 51 -20.00 -1.04 12.53
C LEU B 51 -20.67 -2.41 12.52
N PRO B 52 -21.91 -2.53 13.01
CA PRO B 52 -22.59 -3.84 12.95
C PRO B 52 -22.64 -4.45 11.57
N VAL B 53 -22.78 -3.66 10.51
CA VAL B 53 -22.86 -4.25 9.17
C VAL B 53 -21.52 -4.83 8.76
N VAL B 54 -20.42 -4.24 9.22
CA VAL B 54 -19.08 -4.75 8.95
C VAL B 54 -18.85 -6.07 9.65
N LYS B 55 -19.25 -6.16 10.93
CA LYS B 55 -19.19 -7.43 11.66
C LYS B 55 -19.97 -8.51 10.93
N LYS B 56 -21.17 -8.17 10.46
CA LYS B 56 -22.04 -9.14 9.78
C LYS B 56 -21.40 -9.64 8.50
N VAL B 57 -20.87 -8.71 7.69
CA VAL B 57 -20.24 -9.07 6.42
C VAL B 57 -18.95 -9.86 6.66
N GLU B 58 -18.18 -9.49 7.69
CA GLU B 58 -16.96 -10.26 7.97
C GLU B 58 -17.28 -11.70 8.30
N GLN B 59 -18.38 -11.94 9.01
CA GLN B 59 -18.78 -13.30 9.31
C GLN B 59 -19.13 -14.07 8.04
N LYS B 60 -19.84 -13.41 7.11
CA LYS B 60 -20.17 -14.05 5.83
C LYS B 60 -18.90 -14.40 5.05
N ILE B 61 -17.95 -13.46 4.99
CA ILE B 61 -16.71 -13.68 4.25
C ILE B 61 -15.95 -14.86 4.85
N ALA B 62 -15.85 -14.89 6.18
CA ALA B 62 -15.09 -15.96 6.85
C ALA B 62 -15.67 -17.34 6.55
N ASN B 63 -16.98 -17.43 6.34
CA ASN B 63 -17.65 -18.70 6.11
C ASN B 63 -17.88 -18.99 4.63
N ASP B 64 -17.29 -18.22 3.74
CA ASP B 64 -17.45 -18.40 2.30
C ASP B 64 -16.27 -19.20 1.77
N ASN B 65 -16.46 -20.51 1.59
CA ASN B 65 -15.36 -21.34 1.11
C ASN B 65 -15.09 -21.20 -0.37
N SER B 66 -15.89 -20.40 -1.10
CA SER B 66 -15.60 -20.17 -2.52
C SER B 66 -14.50 -19.12 -2.73
N LEU B 67 -14.09 -18.39 -1.70
CA LEU B 67 -13.09 -17.36 -1.89
C LEU B 67 -11.68 -17.95 -1.87
N ASN B 68 -10.79 -17.36 -2.65
CA ASN B 68 -9.37 -17.68 -2.56
C ASN B 68 -8.58 -16.40 -2.30
N HIS B 69 -7.25 -16.54 -2.27
CA HIS B 69 -6.40 -15.40 -1.95
C HIS B 69 -5.51 -14.99 -3.12
N GLU B 70 -5.89 -15.36 -4.34
CA GLU B 70 -5.06 -15.02 -5.49
C GLU B 70 -5.06 -13.50 -5.73
N TYR B 71 -3.98 -13.01 -6.33
CA TYR B 71 -3.81 -11.57 -6.57
C TYR B 71 -5.07 -10.95 -7.18
N LEU B 72 -5.50 -9.82 -6.62
CA LEU B 72 -6.49 -9.02 -7.32
C LEU B 72 -5.85 -8.42 -8.58
N PRO B 73 -6.66 -7.95 -9.52
CA PRO B 73 -6.10 -7.12 -10.60
C PRO B 73 -5.34 -5.94 -10.02
N ILE B 74 -4.40 -5.42 -10.81
CA ILE B 74 -3.58 -4.30 -10.35
C ILE B 74 -4.47 -3.15 -9.89
N LEU B 75 -5.49 -2.82 -10.67
CA LEU B 75 -6.35 -1.70 -10.30
C LEU B 75 -7.32 -2.04 -9.18
N GLY B 76 -7.41 -3.30 -8.80
CA GLY B 76 -8.19 -3.72 -7.65
C GLY B 76 -9.45 -4.50 -8.01
N LEU B 77 -10.22 -4.77 -6.97
CA LEU B 77 -11.42 -5.60 -7.09
C LEU B 77 -12.46 -4.87 -7.93
N ALA B 78 -12.90 -5.49 -9.03
CA ALA B 78 -13.75 -4.81 -10.01
C ALA B 78 -15.05 -4.30 -9.39
N GLU B 79 -15.70 -5.11 -8.55
CA GLU B 79 -16.98 -4.66 -7.99
C GLU B 79 -16.79 -3.58 -6.94
N PHE B 80 -15.66 -3.58 -6.23
CA PHE B 80 -15.40 -2.47 -5.31
C PHE B 80 -15.23 -1.15 -6.07
N ARG B 81 -14.42 -1.16 -7.13
CA ARG B 81 -14.12 0.06 -7.86
C ARG B 81 -15.39 0.66 -8.47
N SER B 82 -16.24 -0.17 -9.06
CA SER B 82 -17.47 0.36 -9.66
C SER B 82 -18.46 0.81 -8.58
N CYS B 83 -18.60 0.04 -7.50
CA CYS B 83 -19.47 0.49 -6.40
C CYS B 83 -18.97 1.79 -5.78
N ALA B 84 -17.66 1.93 -5.59
CA ALA B 84 -17.11 3.11 -4.94
C ALA B 84 -17.34 4.36 -5.80
N SER B 85 -17.06 4.27 -7.10
CA SER B 85 -17.22 5.43 -7.96
C SER B 85 -18.69 5.80 -8.10
N ARG B 86 -19.58 4.80 -8.13
CA ARG B 86 -21.01 5.06 -8.21
C ARG B 86 -21.51 5.71 -6.93
N LEU B 87 -20.97 5.30 -5.78
CA LEU B 87 -21.31 5.96 -4.52
C LEU B 87 -20.99 7.45 -4.58
N ALA B 88 -19.82 7.81 -5.12
CA ALA B 88 -19.45 9.22 -5.17
C ALA B 88 -20.29 9.99 -6.18
N LEU B 89 -20.51 9.41 -7.37
CA LEU B 89 -21.06 10.15 -8.50
C LEU B 89 -22.58 10.04 -8.62
N GLY B 90 -23.21 9.08 -7.97
CA GLY B 90 -24.64 8.86 -8.07
C GLY B 90 -24.98 7.89 -9.17
N ASP B 91 -26.06 7.11 -8.94
CA ASP B 91 -26.47 6.09 -9.90
C ASP B 91 -26.71 6.70 -11.29
N ASP B 92 -27.31 7.89 -11.33
CA ASP B 92 -27.74 8.53 -12.57
C ASP B 92 -26.69 9.46 -13.15
N SER B 93 -25.43 9.30 -12.79
CA SER B 93 -24.42 10.23 -13.27
C SER B 93 -24.30 10.13 -14.79
N PRO B 94 -24.36 11.24 -15.51
CA PRO B 94 -24.07 11.18 -16.96
C PRO B 94 -22.65 10.74 -17.24
N ALA B 95 -21.70 11.04 -16.34
CA ALA B 95 -20.33 10.58 -16.52
C ALA B 95 -20.26 9.05 -16.51
N LEU B 96 -21.04 8.40 -15.64
CA LEU B 96 -21.06 6.94 -15.64
C LEU B 96 -21.74 6.40 -16.88
N LYS B 97 -22.88 6.98 -17.24
CA LYS B 97 -23.59 6.53 -18.44
C LYS B 97 -22.70 6.64 -19.67
N GLU B 98 -21.92 7.71 -19.77
CA GLU B 98 -21.06 7.95 -20.92
C GLU B 98 -19.71 7.24 -20.82
N LYS B 99 -19.49 6.45 -19.76
CA LYS B 99 -18.27 5.65 -19.59
C LYS B 99 -17.03 6.52 -19.58
N ARG B 100 -17.16 7.69 -18.95
CA ARG B 100 -16.06 8.63 -18.76
C ARG B 100 -15.43 8.54 -17.39
N VAL B 101 -15.62 7.42 -16.68
CA VAL B 101 -15.19 7.29 -15.29
C VAL B 101 -14.27 6.08 -15.15
N GLY B 102 -13.22 6.24 -14.35
CA GLY B 102 -12.38 5.13 -13.97
C GLY B 102 -12.22 5.10 -12.46
N GLY B 103 -11.88 3.93 -11.94
CA GLY B 103 -11.63 3.83 -10.52
C GLY B 103 -10.42 2.96 -10.23
N VAL B 104 -9.55 3.41 -9.33
CA VAL B 104 -8.35 2.68 -8.92
C VAL B 104 -8.47 2.42 -7.42
N GLN B 105 -8.58 1.15 -7.04
CA GLN B 105 -8.57 0.82 -5.63
C GLN B 105 -7.20 1.16 -5.04
N SER B 106 -7.20 1.73 -3.84
CA SER B 106 -5.99 2.27 -3.28
C SER B 106 -5.94 1.99 -1.79
N LEU B 107 -4.77 2.25 -1.19
CA LEU B 107 -4.53 2.00 0.23
C LEU B 107 -5.06 3.21 1.00
N GLY B 108 -6.38 3.19 1.24
CA GLY B 108 -7.09 4.30 1.89
C GLY B 108 -7.06 5.57 1.06
N GLY B 109 -7.56 6.64 1.67
CA GLY B 109 -7.51 7.94 1.00
C GLY B 109 -6.09 8.38 0.72
N THR B 110 -5.17 8.10 1.65
CA THR B 110 -3.77 8.50 1.47
C THR B 110 -3.20 7.89 0.21
N GLY B 111 -3.42 6.59 0.00
CA GLY B 111 -2.92 5.94 -1.19
C GLY B 111 -3.52 6.49 -2.46
N ALA B 112 -4.79 6.87 -2.43
CA ALA B 112 -5.44 7.46 -3.60
C ALA B 112 -4.82 8.81 -3.94
N LEU B 113 -4.63 9.66 -2.93
CA LEU B 113 -3.93 10.92 -3.13
C LEU B 113 -2.55 10.69 -3.73
N ARG B 114 -1.83 9.68 -3.22
CA ARG B 114 -0.45 9.45 -3.66
C ARG B 114 -0.40 9.04 -5.13
N ILE B 115 -1.21 8.05 -5.53
CA ILE B 115 -1.07 7.60 -6.91
C ILE B 115 -1.63 8.65 -7.86
N GLY B 116 -2.63 9.42 -7.42
CA GLY B 116 -3.10 10.52 -8.24
C GLY B 116 -2.05 11.59 -8.42
N ALA B 117 -1.37 11.97 -7.32
CA ALA B 117 -0.28 12.93 -7.42
C ALA B 117 0.87 12.40 -8.27
N ASP B 118 1.19 11.11 -8.14
CA ASP B 118 2.23 10.53 -8.97
C ASP B 118 1.85 10.62 -10.45
N PHE B 119 0.59 10.35 -10.77
CA PHE B 119 0.16 10.41 -12.16
C PHE B 119 0.28 11.84 -12.70
N LEU B 120 -0.19 12.82 -11.93
CA LEU B 120 -0.15 14.19 -12.41
C LEU B 120 1.29 14.66 -12.61
N ALA B 121 2.17 14.29 -11.69
CA ALA B 121 3.57 14.72 -11.75
C ALA B 121 4.30 14.18 -12.96
N ARG B 122 3.72 13.17 -13.62
CA ARG B 122 4.34 12.58 -14.80
C ARG B 122 3.62 12.96 -16.09
N TRP B 123 2.29 13.04 -16.08
CA TRP B 123 1.53 13.12 -17.31
C TRP B 123 0.72 14.39 -17.48
N TYR B 124 0.59 15.22 -16.47
CA TYR B 124 -0.36 16.32 -16.49
C TYR B 124 0.38 17.63 -16.69
N ASN B 125 -0.12 18.46 -17.61
CA ASN B 125 0.40 19.81 -17.83
C ASN B 125 1.82 19.77 -18.40
N GLY B 126 2.05 18.81 -19.29
CA GLY B 126 3.36 18.56 -19.86
C GLY B 126 3.95 17.25 -19.38
N THR B 127 5.16 16.98 -19.88
CA THR B 127 5.93 15.78 -19.55
C THR B 127 6.76 16.04 -18.30
N ASN B 128 6.52 15.26 -17.25
CA ASN B 128 7.30 15.34 -16.01
C ASN B 128 7.38 16.76 -15.49
N ASN B 129 6.24 17.44 -15.50
CA ASN B 129 6.18 18.84 -15.07
C ASN B 129 5.98 18.86 -13.56
N LYS B 130 7.06 19.10 -12.82
CA LYS B 130 7.05 19.18 -11.37
C LYS B 130 6.82 20.60 -10.87
N ASN B 131 6.69 21.56 -11.77
CA ASN B 131 6.54 22.95 -11.38
C ASN B 131 5.08 23.38 -11.29
N THR B 132 4.13 22.54 -11.75
CA THR B 132 2.72 22.87 -11.64
C THR B 132 2.37 23.19 -10.19
N PRO B 133 1.89 24.40 -9.89
CA PRO B 133 1.54 24.70 -8.49
C PRO B 133 0.42 23.79 -8.00
N VAL B 134 0.55 23.36 -6.75
CA VAL B 134 -0.47 22.58 -6.05
C VAL B 134 -1.01 23.43 -4.91
N TYR B 135 -2.30 23.70 -4.93
CA TYR B 135 -2.93 24.56 -3.92
C TYR B 135 -3.69 23.71 -2.91
N VAL B 136 -3.41 23.94 -1.62
CA VAL B 136 -4.13 23.30 -0.52
C VAL B 136 -4.75 24.41 0.34
N SER B 137 -5.79 24.05 1.08
CA SER B 137 -6.45 25.05 1.92
C SER B 137 -5.58 25.44 3.11
N SER B 138 -5.84 26.64 3.64
CA SER B 138 -5.20 27.15 4.83
C SER B 138 -6.20 27.19 5.98
N PRO B 139 -6.16 26.25 6.94
CA PRO B 139 -5.23 25.11 7.05
C PRO B 139 -5.81 23.91 6.31
N THR B 140 -5.08 22.80 6.23
CA THR B 140 -5.61 21.59 5.61
C THR B 140 -5.12 20.38 6.39
N TRP B 141 -5.59 19.21 5.98
CA TRP B 141 -5.11 17.95 6.52
C TRP B 141 -3.59 17.89 6.40
N GLU B 142 -2.94 17.56 7.51
CA GLU B 142 -1.49 17.69 7.62
C GLU B 142 -0.76 17.07 6.44
N ASN B 143 -1.24 15.93 5.94
CA ASN B 143 -0.48 15.13 4.98
C ASN B 143 -0.59 15.58 3.53
N HIS B 144 -1.50 16.53 3.21
CA HIS B 144 -1.66 16.95 1.82
C HIS B 144 -0.35 17.47 1.26
N ASN B 145 0.28 18.42 1.95
CA ASN B 145 1.54 18.95 1.49
C ASN B 145 2.58 17.84 1.32
N ALA B 146 2.68 16.98 2.32
CA ALA B 146 3.71 15.94 2.31
C ALA B 146 3.51 14.96 1.15
N VAL B 147 2.25 14.62 0.84
CA VAL B 147 2.02 13.62 -0.22
C VAL B 147 2.40 14.19 -1.58
N PHE B 148 2.00 15.44 -1.86
CA PHE B 148 2.30 16.03 -3.16
C PHE B 148 3.78 16.34 -3.29
N SER B 149 4.42 16.77 -2.18
CA SER B 149 5.86 16.93 -2.16
C SER B 149 6.56 15.60 -2.47
N ALA B 150 6.08 14.51 -1.88
CA ALA B 150 6.65 13.19 -2.14
C ALA B 150 6.51 12.79 -3.60
N ALA B 151 5.43 13.22 -4.27
CA ALA B 151 5.31 12.90 -5.69
C ALA B 151 6.24 13.74 -6.56
N GLY B 152 6.95 14.72 -5.99
CA GLY B 152 7.88 15.54 -6.72
C GLY B 152 7.50 16.99 -6.90
N PHE B 153 6.29 17.40 -6.50
CA PHE B 153 5.85 18.76 -6.78
C PHE B 153 6.68 19.75 -5.96
N LYS B 154 7.28 20.72 -6.64
CA LYS B 154 8.21 21.65 -6.03
C LYS B 154 7.53 22.90 -5.45
N ASP B 155 6.28 23.16 -5.80
CA ASP B 155 5.62 24.45 -5.52
C ASP B 155 4.24 24.19 -4.92
N ILE B 156 4.21 23.96 -3.60
CA ILE B 156 2.96 23.79 -2.87
C ILE B 156 2.56 25.14 -2.28
N ARG B 157 1.34 25.56 -2.57
CA ARG B 157 0.82 26.85 -2.15
C ARG B 157 -0.45 26.65 -1.35
N SER B 158 -0.91 27.70 -0.69
CA SER B 158 -2.14 27.60 0.04
C SER B 158 -3.14 28.63 -0.46
N TYR B 159 -4.42 28.29 -0.37
CA TYR B 159 -5.48 29.27 -0.55
C TYR B 159 -6.09 29.58 0.80
N ARG B 160 -6.44 30.85 1.00
CA ARG B 160 -7.12 31.26 2.22
C ARG B 160 -8.42 30.47 2.39
N TYR B 161 -8.74 30.14 3.63
CA TYR B 161 -9.90 29.31 3.89
C TYR B 161 -10.49 29.66 5.26
N TRP B 162 -9.77 29.33 6.33
CA TRP B 162 -10.28 29.63 7.68
C TRP B 162 -10.07 31.10 8.02
N ASP B 163 -11.15 31.78 8.41
CA ASP B 163 -11.10 33.14 8.91
C ASP B 163 -11.19 33.09 10.43
N ALA B 164 -10.07 33.34 11.11
CA ALA B 164 -10.02 33.12 12.55
C ALA B 164 -10.85 34.15 13.31
N GLU B 165 -11.09 35.32 12.72
CA GLU B 165 -11.92 36.33 13.38
C GLU B 165 -13.40 35.99 13.30
N LYS B 166 -13.88 35.68 12.08
CA LYS B 166 -15.27 35.32 11.88
C LYS B 166 -15.59 33.90 12.28
N ARG B 167 -14.58 33.06 12.51
CA ARG B 167 -14.78 31.63 12.77
C ARG B 167 -15.60 31.01 11.65
N GLY B 168 -15.12 31.21 10.43
CA GLY B 168 -15.85 30.70 9.29
C GLY B 168 -15.01 30.78 8.04
N LEU B 169 -15.66 30.52 6.91
CA LEU B 169 -15.01 30.45 5.62
C LEU B 169 -14.71 31.84 5.09
N ASP B 170 -13.45 32.08 4.70
CA ASP B 170 -13.06 33.34 4.06
C ASP B 170 -13.19 33.13 2.56
N LEU B 171 -14.44 33.25 2.07
CA LEU B 171 -14.67 32.98 0.66
C LEU B 171 -13.93 33.98 -0.23
N GLN B 172 -13.97 35.26 0.13
CA GLN B 172 -13.32 36.27 -0.70
C GLN B 172 -11.84 35.96 -0.88
N GLY B 173 -11.16 35.56 0.19
CA GLY B 173 -9.75 35.23 0.06
C GLY B 173 -9.51 33.98 -0.75
N PHE B 174 -10.34 32.95 -0.54
CA PHE B 174 -10.29 31.71 -1.32
C PHE B 174 -10.40 32.02 -2.82
N LEU B 175 -11.45 32.76 -3.20
CA LEU B 175 -11.65 33.12 -4.61
C LEU B 175 -10.51 33.96 -5.16
N ASN B 176 -10.01 34.92 -4.37
CA ASN B 176 -8.93 35.76 -4.88
C ASN B 176 -7.65 34.96 -5.10
N ASP B 177 -7.36 33.99 -4.21
CA ASP B 177 -6.18 33.14 -4.41
C ASP B 177 -6.33 32.26 -5.65
N LEU B 178 -7.54 31.72 -5.88
CA LEU B 178 -7.76 30.94 -7.10
C LEU B 178 -7.62 31.81 -8.34
N GLU B 179 -8.13 33.05 -8.26
CA GLU B 179 -8.07 33.95 -9.40
C GLU B 179 -6.63 34.28 -9.77
N ASN B 180 -5.72 34.25 -8.80
CA ASN B 180 -4.32 34.49 -9.07
C ASN B 180 -3.52 33.21 -9.27
N ALA B 181 -4.16 32.04 -9.24
CA ALA B 181 -3.42 30.82 -9.48
C ALA B 181 -3.03 30.73 -10.95
N PRO B 182 -1.79 30.37 -11.24
CA PRO B 182 -1.41 30.13 -12.64
C PRO B 182 -2.37 29.13 -13.28
N GLU B 183 -2.65 29.34 -14.57
CA GLU B 183 -3.50 28.41 -15.30
C GLU B 183 -2.97 26.98 -15.16
N PHE B 184 -3.89 26.05 -15.04
CA PHE B 184 -3.64 24.61 -14.91
C PHE B 184 -3.05 24.21 -13.56
N SER B 185 -3.01 25.10 -12.58
CA SER B 185 -2.64 24.68 -11.24
C SER B 185 -3.62 23.62 -10.73
N ILE B 186 -3.11 22.74 -9.87
CA ILE B 186 -3.90 21.71 -9.21
C ILE B 186 -4.44 22.29 -7.91
N VAL B 187 -5.72 22.05 -7.62
CA VAL B 187 -6.33 22.56 -6.40
C VAL B 187 -6.92 21.41 -5.61
N VAL B 188 -6.41 21.19 -4.41
CA VAL B 188 -6.87 20.08 -3.57
C VAL B 188 -8.09 20.56 -2.80
N LEU B 189 -9.25 19.95 -3.06
CA LEU B 189 -10.51 20.41 -2.50
C LEU B 189 -11.07 19.34 -1.55
N HIS B 190 -11.54 19.77 -0.39
CA HIS B 190 -12.24 18.86 0.51
C HIS B 190 -13.70 18.76 0.04
N ALA B 191 -14.11 17.55 -0.34
CA ALA B 191 -15.46 17.39 -0.90
C ALA B 191 -16.53 17.77 0.11
N CYS B 192 -16.34 17.40 1.38
CA CYS B 192 -17.25 17.73 2.46
C CYS B 192 -16.54 17.44 3.77
N ALA B 193 -17.07 18.03 4.85
CA ALA B 193 -16.49 17.96 6.19
C ALA B 193 -14.99 18.28 6.16
N HIS B 194 -14.71 19.55 5.93
CA HIS B 194 -13.34 20.04 5.87
C HIS B 194 -12.53 19.63 7.09
N ASN B 195 -11.37 19.02 6.85
CA ASN B 195 -10.42 18.65 7.88
C ASN B 195 -9.24 19.61 7.81
N PRO B 196 -8.97 20.42 8.84
CA PRO B 196 -9.44 20.26 10.22
C PRO B 196 -10.58 21.16 10.71
N THR B 197 -11.07 22.10 9.90
CA THR B 197 -11.91 23.16 10.47
C THR B 197 -13.36 22.74 10.65
N GLY B 198 -13.87 21.82 9.81
CA GLY B 198 -15.27 21.47 9.81
C GLY B 198 -16.20 22.38 9.02
N ILE B 199 -15.71 23.51 8.52
CA ILE B 199 -16.58 24.44 7.79
C ILE B 199 -16.41 24.18 6.29
N ASP B 200 -17.54 24.00 5.60
CA ASP B 200 -17.65 23.73 4.17
C ASP B 200 -18.23 24.92 3.44
N PRO B 201 -17.84 25.14 2.17
CA PRO B 201 -18.63 26.05 1.33
C PRO B 201 -20.05 25.55 1.19
N THR B 202 -21.00 26.48 1.12
CA THR B 202 -22.36 26.14 0.77
C THR B 202 -22.41 25.85 -0.72
N PRO B 203 -23.50 25.23 -1.19
CA PRO B 203 -23.65 25.03 -2.64
C PRO B 203 -23.51 26.31 -3.45
N GLU B 204 -24.06 27.42 -2.98
CA GLU B 204 -23.90 28.67 -3.72
C GLU B 204 -22.44 29.11 -3.75
N GLN B 205 -21.72 28.91 -2.65
CA GLN B 205 -20.30 29.25 -2.64
C GLN B 205 -19.50 28.35 -3.56
N TRP B 206 -19.86 27.07 -3.63
CA TRP B 206 -19.17 26.13 -4.53
C TRP B 206 -19.30 26.57 -5.98
N LYS B 207 -20.44 27.16 -6.36
CA LYS B 207 -20.63 27.61 -7.73
C LYS B 207 -19.69 28.78 -8.05
N GLN B 208 -19.42 29.64 -7.08
CA GLN B 208 -18.43 30.69 -7.29
C GLN B 208 -17.03 30.11 -7.39
N ILE B 209 -16.72 29.09 -6.57
CA ILE B 209 -15.42 28.44 -6.63
C ILE B 209 -15.23 27.78 -7.98
N ALA B 210 -16.26 27.07 -8.46
CA ALA B 210 -16.15 26.39 -9.74
C ALA B 210 -15.99 27.39 -10.88
N SER B 211 -16.63 28.55 -10.77
CA SER B 211 -16.54 29.55 -11.84
C SER B 211 -15.10 30.01 -12.05
N VAL B 212 -14.39 30.33 -10.96
CA VAL B 212 -12.99 30.73 -11.11
C VAL B 212 -12.14 29.56 -11.61
N MET B 213 -12.38 28.35 -11.09
CA MET B 213 -11.55 27.22 -11.52
C MET B 213 -11.74 26.92 -12.99
N LYS B 214 -12.97 27.02 -13.50
CA LYS B 214 -13.21 26.79 -14.91
C LYS B 214 -12.50 27.83 -15.76
N HIS B 215 -12.53 29.10 -15.32
CA HIS B 215 -11.95 30.20 -16.07
C HIS B 215 -10.44 30.03 -16.23
N ARG B 216 -9.78 29.60 -15.16
CA ARG B 216 -8.32 29.51 -15.15
C ARG B 216 -7.81 28.09 -15.37
N PHE B 217 -8.70 27.19 -15.80
CA PHE B 217 -8.33 25.83 -16.17
C PHE B 217 -7.68 25.08 -15.02
N LEU B 218 -8.14 25.32 -13.79
CA LEU B 218 -7.54 24.68 -12.62
C LEU B 218 -8.06 23.25 -12.50
N PHE B 219 -7.16 22.33 -12.10
CA PHE B 219 -7.48 20.92 -12.02
C PHE B 219 -8.00 20.58 -10.63
N PRO B 220 -9.26 20.19 -10.48
CA PRO B 220 -9.76 19.84 -9.15
C PRO B 220 -9.28 18.45 -8.75
N PHE B 221 -8.72 18.35 -7.55
CA PHE B 221 -8.34 17.07 -6.94
C PHE B 221 -9.13 16.98 -5.64
N PHE B 222 -10.28 16.32 -5.69
CA PHE B 222 -11.13 16.20 -4.51
C PHE B 222 -10.57 15.18 -3.55
N ASP B 223 -10.64 15.50 -2.26
CA ASP B 223 -10.37 14.58 -1.17
C ASP B 223 -11.72 14.31 -0.50
N SER B 224 -12.22 13.08 -0.67
CA SER B 224 -13.54 12.73 -0.17
C SER B 224 -13.36 11.63 0.88
N ALA B 225 -13.15 12.03 2.13
CA ALA B 225 -12.88 11.07 3.18
C ALA B 225 -14.08 10.81 4.08
N TYR B 226 -15.17 11.56 3.93
CA TYR B 226 -16.25 11.52 4.90
C TYR B 226 -17.63 11.40 4.27
N GLN B 227 -17.74 10.86 3.04
CA GLN B 227 -19.07 10.79 2.41
C GLN B 227 -20.03 9.97 3.27
N GLY B 228 -21.20 10.52 3.53
CA GLY B 228 -22.19 9.89 4.42
C GLY B 228 -21.88 10.07 5.89
N PHE B 229 -20.62 9.86 6.27
CA PHE B 229 -20.19 10.09 7.64
C PHE B 229 -20.44 11.54 8.05
N ALA B 230 -20.20 12.48 7.14
CA ALA B 230 -20.29 13.91 7.50
C ALA B 230 -21.69 14.29 7.95
N SER B 231 -22.70 14.02 7.13
CA SER B 231 -24.06 14.46 7.44
C SER B 231 -25.06 13.32 7.62
N GLY B 232 -24.65 12.08 7.39
CA GLY B 232 -25.60 10.98 7.35
C GLY B 232 -26.31 10.82 6.03
N ASN B 233 -26.05 11.69 5.06
CA ASN B 233 -26.77 11.70 3.79
C ASN B 233 -25.77 11.62 2.66
N LEU B 234 -25.66 10.44 2.03
CA LEU B 234 -24.63 10.21 1.02
C LEU B 234 -24.76 11.18 -0.14
N GLU B 235 -26.00 11.44 -0.58
CA GLU B 235 -26.20 12.31 -1.74
C GLU B 235 -25.76 13.73 -1.42
N ARG B 236 -26.19 14.25 -0.27
CA ARG B 236 -25.84 15.62 0.10
C ARG B 236 -24.34 15.81 0.25
N ASP B 237 -23.64 14.81 0.83
CA ASP B 237 -22.21 14.89 1.03
C ASP B 237 -21.43 14.84 -0.29
N ALA B 238 -22.06 14.37 -1.35
CA ALA B 238 -21.44 14.32 -2.67
C ALA B 238 -21.88 15.47 -3.57
N TRP B 239 -22.59 16.47 -3.03
CA TRP B 239 -23.16 17.46 -3.94
C TRP B 239 -22.09 18.16 -4.75
N ALA B 240 -20.98 18.55 -4.11
CA ALA B 240 -19.97 19.35 -4.81
C ALA B 240 -19.29 18.55 -5.90
N ILE B 241 -18.97 17.28 -5.61
CA ILE B 241 -18.38 16.40 -6.62
C ILE B 241 -19.30 16.26 -7.82
N ARG B 242 -20.57 15.97 -7.58
CA ARG B 242 -21.51 15.79 -8.68
C ARG B 242 -21.77 17.09 -9.43
N TYR B 243 -21.72 18.22 -8.73
CA TYR B 243 -21.81 19.50 -9.41
C TYR B 243 -20.64 19.70 -10.36
N PHE B 244 -19.42 19.38 -9.92
CA PHE B 244 -18.25 19.51 -10.78
C PHE B 244 -18.36 18.58 -11.99
N VAL B 245 -18.96 17.40 -11.81
CA VAL B 245 -19.25 16.54 -12.96
C VAL B 245 -20.16 17.25 -13.96
N SER B 246 -21.29 17.78 -13.47
CA SER B 246 -22.25 18.39 -14.38
C SER B 246 -21.70 19.67 -15.01
N GLU B 247 -20.79 20.37 -14.32
CA GLU B 247 -20.15 21.54 -14.94
C GLU B 247 -19.13 21.14 -16.01
N GLY B 248 -18.87 19.85 -16.18
CA GLY B 248 -17.97 19.41 -17.23
C GLY B 248 -16.49 19.38 -16.86
N PHE B 249 -16.14 19.49 -15.59
CA PHE B 249 -14.75 19.36 -15.18
C PHE B 249 -14.24 17.95 -15.43
N GLU B 250 -12.94 17.86 -15.70
CA GLU B 250 -12.19 16.63 -15.53
C GLU B 250 -11.44 16.72 -14.22
N PHE B 251 -11.48 15.65 -13.43
CA PHE B 251 -10.93 15.77 -12.10
C PHE B 251 -10.61 14.40 -11.53
N PHE B 252 -9.89 14.40 -10.43
CA PHE B 252 -9.63 13.23 -9.60
C PHE B 252 -10.41 13.37 -8.29
N CYS B 253 -10.81 12.23 -7.72
CA CYS B 253 -11.47 12.22 -6.42
C CYS B 253 -10.91 11.07 -5.60
N ALA B 254 -10.18 11.40 -4.53
CA ALA B 254 -9.58 10.40 -3.64
C ALA B 254 -10.60 10.03 -2.57
N GLN B 255 -11.15 8.82 -2.64
CA GLN B 255 -12.17 8.39 -1.69
C GLN B 255 -11.53 7.53 -0.59
N SER B 256 -11.94 7.79 0.64
CA SER B 256 -11.60 6.93 1.76
C SER B 256 -12.85 6.24 2.30
N PHE B 257 -12.69 4.97 2.68
CA PHE B 257 -13.72 4.26 3.41
C PHE B 257 -13.31 3.99 4.84
N SER B 258 -12.26 4.68 5.32
CA SER B 258 -11.77 4.48 6.68
C SER B 258 -12.78 4.94 7.71
N LYS B 259 -13.39 6.10 7.48
CA LYS B 259 -14.30 6.65 8.48
C LYS B 259 -15.74 6.19 8.27
N ASN B 260 -16.24 6.26 7.04
CA ASN B 260 -17.64 5.91 6.86
C ASN B 260 -17.92 4.42 6.95
N PHE B 261 -16.91 3.56 6.85
CA PHE B 261 -17.07 2.15 7.19
C PHE B 261 -16.39 1.76 8.50
N GLY B 262 -15.71 2.69 9.17
CA GLY B 262 -14.93 2.32 10.33
C GLY B 262 -13.79 1.36 10.03
N LEU B 263 -13.36 1.26 8.77
CA LEU B 263 -12.37 0.28 8.35
C LEU B 263 -10.97 0.86 8.26
N TYR B 264 -10.63 1.82 9.12
CA TYR B 264 -9.31 2.42 9.20
C TYR B 264 -8.15 1.47 8.87
N ASN B 265 -8.05 0.35 9.59
CA ASN B 265 -6.84 -0.46 9.46
C ASN B 265 -6.93 -1.51 8.36
N GLU B 266 -7.96 -1.49 7.51
CA GLU B 266 -7.94 -2.35 6.33
C GLU B 266 -7.56 -1.57 5.07
N ARG B 267 -7.42 -0.24 5.16
CA ARG B 267 -6.80 0.59 4.13
C ARG B 267 -7.57 0.49 2.80
N VAL B 268 -8.81 0.96 2.85
CA VAL B 268 -9.75 0.86 1.74
C VAL B 268 -9.95 2.24 1.17
N GLY B 269 -9.53 2.43 -0.07
CA GLY B 269 -9.72 3.71 -0.73
C GLY B 269 -9.95 3.47 -2.21
N ASN B 270 -10.37 4.53 -2.89
CA ASN B 270 -10.58 4.47 -4.32
C ASN B 270 -10.25 5.82 -4.95
N LEU B 271 -9.48 5.80 -6.02
CA LEU B 271 -9.24 7.01 -6.80
C LEU B 271 -10.20 7.00 -7.98
N THR B 272 -11.16 7.91 -7.95
CA THR B 272 -12.11 8.07 -9.04
C THR B 272 -11.58 9.13 -10.00
N VAL B 273 -11.57 8.80 -11.29
CA VAL B 273 -11.09 9.68 -12.34
C VAL B 273 -12.26 10.00 -13.26
N VAL B 274 -12.47 11.28 -13.54
CA VAL B 274 -13.54 11.72 -14.43
C VAL B 274 -12.89 12.48 -15.58
N GLY B 275 -13.13 12.02 -16.82
CA GLY B 275 -12.59 12.67 -18.00
C GLY B 275 -13.68 13.10 -18.97
N LYS B 276 -13.27 13.84 -19.98
CA LYS B 276 -14.17 14.24 -21.06
C LYS B 276 -14.46 13.08 -22.00
N GLU B 277 -13.53 12.15 -22.17
CA GLU B 277 -13.77 11.16 -23.21
C GLU B 277 -13.42 9.77 -22.71
N PRO B 278 -14.13 8.74 -23.15
CA PRO B 278 -13.93 7.40 -22.56
C PRO B 278 -12.57 6.81 -22.86
N GLU B 279 -12.04 7.04 -24.07
CA GLU B 279 -10.85 6.32 -24.49
C GLU B 279 -9.59 6.80 -23.79
N SER B 280 -9.50 8.09 -23.43
CA SER B 280 -8.32 8.55 -22.71
C SER B 280 -8.38 8.18 -21.24
N ILE B 281 -9.59 7.97 -20.70
CA ILE B 281 -9.71 7.45 -19.35
C ILE B 281 -9.08 6.06 -19.27
N LEU B 282 -9.25 5.27 -20.33
CA LEU B 282 -8.61 3.95 -20.33
C LEU B 282 -7.09 4.07 -20.37
N GLN B 283 -6.57 5.10 -21.04
CA GLN B 283 -5.12 5.30 -21.06
C GLN B 283 -4.62 5.78 -19.70
N VAL B 284 -5.37 6.67 -19.06
CA VAL B 284 -5.03 7.07 -17.69
C VAL B 284 -4.93 5.85 -16.79
N LEU B 285 -5.93 4.96 -16.87
CA LEU B 285 -5.92 3.78 -16.02
C LEU B 285 -4.70 2.91 -16.30
N SER B 286 -4.29 2.81 -17.56
CA SER B 286 -3.13 1.98 -17.89
C SER B 286 -1.85 2.56 -17.30
N GLN B 287 -1.74 3.89 -17.23
CA GLN B 287 -0.63 4.51 -16.53
C GLN B 287 -0.76 4.37 -15.02
N MET B 288 -1.99 4.35 -14.49
CA MET B 288 -2.15 4.13 -13.05
C MET B 288 -1.68 2.73 -12.68
N GLU B 289 -1.85 1.77 -13.59
CA GLU B 289 -1.37 0.41 -13.34
C GLU B 289 0.13 0.37 -13.15
N LYS B 290 0.87 1.13 -13.97
CA LYS B 290 2.32 1.18 -13.83
C LYS B 290 2.73 1.77 -12.49
N ILE B 291 2.03 2.82 -12.03
CA ILE B 291 2.35 3.43 -10.75
C ILE B 291 2.05 2.48 -9.60
N VAL B 292 0.90 1.80 -9.66
CA VAL B 292 0.54 0.83 -8.62
C VAL B 292 1.56 -0.28 -8.58
N ARG B 293 1.97 -0.77 -9.75
CA ARG B 293 2.80 -1.97 -9.76
C ARG B 293 4.15 -1.73 -9.08
N ILE B 294 4.65 -0.49 -9.09
CA ILE B 294 5.93 -0.17 -8.48
C ILE B 294 5.77 0.40 -7.07
N THR B 295 4.56 0.44 -6.54
CA THR B 295 4.31 0.96 -5.20
C THR B 295 3.86 -0.16 -4.25
N TRP B 296 2.75 -0.83 -4.56
CA TRP B 296 2.28 -1.93 -3.73
C TRP B 296 1.89 -3.16 -4.54
N SER B 297 2.13 -3.14 -5.87
CA SER B 297 1.90 -4.23 -6.82
C SER B 297 0.43 -4.45 -7.15
N ASN B 298 -0.39 -4.68 -6.13
CA ASN B 298 -1.83 -4.83 -6.26
C ASN B 298 -2.43 -4.68 -4.86
N PRO B 299 -3.72 -4.34 -4.74
CA PRO B 299 -4.24 -3.90 -3.43
C PRO B 299 -4.76 -5.06 -2.60
N PRO B 300 -4.93 -4.88 -1.30
CA PRO B 300 -5.45 -5.97 -0.46
C PRO B 300 -6.94 -6.19 -0.67
N ALA B 301 -7.38 -7.40 -0.37
CA ALA B 301 -8.75 -7.78 -0.72
C ALA B 301 -9.76 -7.56 0.40
N GLN B 302 -9.36 -7.71 1.67
CA GLN B 302 -10.35 -7.89 2.74
C GLN B 302 -11.28 -6.67 2.87
N GLY B 303 -10.70 -5.48 3.00
CA GLY B 303 -11.53 -4.30 3.18
C GLY B 303 -12.41 -4.01 1.97
N ALA B 304 -11.85 -4.12 0.77
CA ALA B 304 -12.64 -3.88 -0.43
C ALA B 304 -13.77 -4.90 -0.58
N ARG B 305 -13.51 -6.16 -0.19
CA ARG B 305 -14.57 -7.16 -0.23
C ARG B 305 -15.72 -6.78 0.70
N ILE B 306 -15.40 -6.25 1.89
CA ILE B 306 -16.45 -5.82 2.81
C ILE B 306 -17.28 -4.70 2.21
N VAL B 307 -16.60 -3.68 1.65
CA VAL B 307 -17.30 -2.55 1.07
C VAL B 307 -18.12 -2.97 -0.16
N ALA B 308 -17.51 -3.77 -1.04
CA ALA B 308 -18.23 -4.20 -2.23
C ALA B 308 -19.47 -5.01 -1.86
N SER B 309 -19.34 -5.91 -0.87
CA SER B 309 -20.48 -6.75 -0.51
C SER B 309 -21.59 -5.90 0.07
N THR B 310 -21.23 -4.89 0.86
CA THR B 310 -22.20 -4.00 1.48
C THR B 310 -22.91 -3.16 0.43
N LEU B 311 -22.14 -2.54 -0.48
CA LEU B 311 -22.72 -1.60 -1.44
C LEU B 311 -23.53 -2.31 -2.53
N SER B 312 -23.33 -3.60 -2.75
CA SER B 312 -24.01 -4.30 -3.82
C SER B 312 -25.16 -5.18 -3.33
N ASN B 313 -25.40 -5.23 -2.04
CA ASN B 313 -26.54 -5.93 -1.48
C ASN B 313 -27.49 -4.88 -0.93
N PRO B 314 -28.73 -4.80 -1.42
CA PRO B 314 -29.59 -3.66 -1.01
C PRO B 314 -29.94 -3.67 0.47
N GLU B 315 -30.08 -4.86 1.06
CA GLU B 315 -30.36 -4.95 2.49
C GLU B 315 -29.16 -4.53 3.32
N LEU B 316 -27.95 -4.97 2.95
CA LEU B 316 -26.75 -4.52 3.64
C LEU B 316 -26.52 -3.03 3.45
N PHE B 317 -26.79 -2.52 2.25
CA PHE B 317 -26.61 -1.11 2.01
C PHE B 317 -27.47 -0.28 2.95
N GLU B 318 -28.73 -0.69 3.14
CA GLU B 318 -29.61 0.07 4.03
C GLU B 318 -29.21 -0.08 5.49
N GLU B 319 -28.72 -1.26 5.87
CA GLU B 319 -28.19 -1.41 7.22
C GLU B 319 -26.97 -0.51 7.43
N TRP B 320 -26.07 -0.46 6.44
CA TRP B 320 -24.89 0.40 6.53
C TRP B 320 -25.30 1.86 6.69
N THR B 321 -26.21 2.36 5.84
CA THR B 321 -26.61 3.76 5.97
C THR B 321 -27.14 4.04 7.37
N GLY B 322 -27.80 3.06 8.00
CA GLY B 322 -28.23 3.24 9.38
C GLY B 322 -27.08 3.38 10.36
N ASN B 323 -26.04 2.55 10.18
CA ASN B 323 -24.84 2.65 11.02
C ASN B 323 -24.16 4.00 10.84
N VAL B 324 -24.07 4.47 9.60
CA VAL B 324 -23.43 5.76 9.34
C VAL B 324 -24.22 6.89 9.97
N LYS B 325 -25.55 6.83 9.88
CA LYS B 325 -26.38 7.86 10.51
C LYS B 325 -26.22 7.87 12.03
N THR B 326 -25.98 6.70 12.63
CA THR B 326 -25.72 6.65 14.08
C THR B 326 -24.52 7.51 14.46
N MET B 327 -23.42 7.39 13.70
CA MET B 327 -22.22 8.20 13.98
C MET B 327 -22.47 9.67 13.69
N ALA B 328 -23.10 9.99 12.55
CA ALA B 328 -23.37 11.38 12.23
C ALA B 328 -24.30 12.02 13.24
N ASP B 329 -25.27 11.25 13.74
CA ASP B 329 -26.22 11.80 14.71
C ASP B 329 -25.54 12.12 16.04
N ARG B 330 -24.63 11.24 16.48
CA ARG B 330 -23.89 11.48 17.71
C ARG B 330 -23.03 12.74 17.59
N ILE B 331 -22.32 12.86 16.47
CA ILE B 331 -21.51 14.05 16.20
C ILE B 331 -22.37 15.31 16.26
N LEU B 332 -23.49 15.28 15.54
CA LEU B 332 -24.42 16.41 15.52
C LEU B 332 -24.87 16.77 16.93
N THR B 333 -25.20 15.76 17.74
CA THR B 333 -25.67 16.01 19.10
C THR B 333 -24.59 16.61 19.99
N MET B 334 -23.35 16.11 19.88
CA MET B 334 -22.28 16.68 20.70
C MET B 334 -22.02 18.14 20.33
N ARG B 335 -22.15 18.48 19.04
CA ARG B 335 -21.95 19.88 18.64
C ARG B 335 -23.04 20.77 19.22
N SER B 336 -24.28 20.29 19.15
CA SER B 336 -25.41 21.07 19.68
C SER B 336 -25.30 21.23 21.19
N GLU B 337 -24.90 20.17 21.89
CA GLU B 337 -24.79 20.23 23.35
C GLU B 337 -23.62 21.09 23.80
N LEU B 338 -22.47 21.00 23.12
CA LEU B 338 -21.36 21.88 23.48
C LEU B 338 -21.72 23.34 23.28
N ARG B 339 -22.28 23.67 22.11
CA ARG B 339 -22.69 25.04 21.85
C ARG B 339 -23.67 25.54 22.90
N ALA B 340 -24.67 24.72 23.22
CA ALA B 340 -25.70 25.13 24.18
C ALA B 340 -25.09 25.46 25.54
N ARG B 341 -24.17 24.61 26.01
CA ARG B 341 -23.55 24.83 27.31
C ARG B 341 -22.62 26.03 27.31
N LEU B 342 -21.88 26.25 26.22
CA LEU B 342 -21.05 27.44 26.14
C LEU B 342 -21.89 28.71 26.23
N GLU B 343 -23.02 28.73 25.51
CA GLU B 343 -23.89 29.91 25.52
C GLU B 343 -24.61 30.06 26.85
N ALA B 344 -24.96 28.94 27.50
CA ALA B 344 -25.58 29.05 28.82
C ALA B 344 -24.62 29.65 29.84
N LEU B 345 -23.32 29.39 29.69
CA LEU B 345 -22.29 29.95 30.55
C LEU B 345 -21.94 31.39 30.21
N LYS B 346 -22.61 32.01 29.24
CA LYS B 346 -22.33 33.39 28.84
C LYS B 346 -20.89 33.56 28.36
N THR B 347 -20.43 32.62 27.55
CA THR B 347 -19.07 32.70 27.06
C THR B 347 -18.97 33.81 26.02
N PRO B 348 -17.96 34.68 26.11
CA PRO B 348 -17.77 35.74 25.10
C PRO B 348 -17.58 35.15 23.71
N GLY B 349 -17.97 35.95 22.71
CA GLY B 349 -17.86 35.55 21.32
C GLY B 349 -19.08 34.77 20.83
N THR B 350 -19.10 34.48 19.54
CA THR B 350 -20.18 33.71 18.97
C THR B 350 -19.78 32.23 18.91
N TRP B 351 -20.77 31.35 19.03
CA TRP B 351 -20.50 29.92 19.03
C TRP B 351 -21.37 29.16 18.05
N ASN B 352 -22.02 29.84 17.10
CA ASN B 352 -22.78 29.11 16.10
C ASN B 352 -21.87 28.35 15.15
N HIS B 353 -20.57 28.69 15.09
CA HIS B 353 -19.68 27.91 14.24
C HIS B 353 -19.62 26.47 14.69
N ILE B 354 -19.85 26.20 15.98
CA ILE B 354 -19.83 24.83 16.49
C ILE B 354 -20.92 23.99 15.83
N THR B 355 -22.06 24.61 15.49
CA THR B 355 -23.11 23.86 14.81
C THR B 355 -23.17 24.14 13.32
N ASP B 356 -22.55 25.23 12.85
CA ASP B 356 -22.43 25.45 11.41
C ASP B 356 -21.49 24.42 10.78
N GLN B 357 -20.43 24.06 11.49
CA GLN B 357 -19.48 23.06 11.01
C GLN B 357 -20.12 21.68 10.98
N ILE B 358 -19.49 20.78 10.23
CA ILE B 358 -20.03 19.44 10.03
C ILE B 358 -18.88 18.44 10.06
N GLY B 359 -19.15 17.28 10.64
CA GLY B 359 -18.14 16.23 10.67
C GLY B 359 -17.50 16.13 12.04
N MET B 360 -16.51 15.23 12.14
CA MET B 360 -15.96 14.91 13.44
C MET B 360 -14.94 15.92 13.94
N PHE B 361 -14.42 16.81 13.08
CA PHE B 361 -13.43 17.80 13.48
C PHE B 361 -14.02 19.20 13.45
N SER B 362 -13.63 19.99 14.44
CA SER B 362 -14.12 21.35 14.60
C SER B 362 -12.94 22.24 14.95
N PHE B 363 -12.78 23.36 14.25
CA PHE B 363 -11.93 24.44 14.76
C PHE B 363 -12.75 25.19 15.81
N THR B 364 -12.31 25.13 17.07
CA THR B 364 -13.06 25.80 18.13
C THR B 364 -12.96 27.31 18.06
N GLY B 365 -11.95 27.85 17.37
CA GLY B 365 -11.68 29.28 17.42
C GLY B 365 -10.79 29.72 18.57
N LEU B 366 -10.38 28.81 19.44
CA LEU B 366 -9.49 29.18 20.53
C LEU B 366 -8.08 29.43 20.00
N ASN B 367 -7.37 30.36 20.63
CA ASN B 367 -6.02 30.68 20.23
C ASN B 367 -5.02 29.80 20.98
N PRO B 368 -3.74 29.79 20.57
CA PRO B 368 -2.79 28.86 21.21
C PRO B 368 -2.64 29.05 22.71
N LYS B 369 -2.70 30.29 23.21
CA LYS B 369 -2.59 30.48 24.66
C LYS B 369 -3.77 29.87 25.39
N GLN B 370 -4.98 29.96 24.82
CA GLN B 370 -6.15 29.35 25.44
C GLN B 370 -6.05 27.84 25.39
N VAL B 371 -5.51 27.29 24.30
CA VAL B 371 -5.29 25.85 24.22
C VAL B 371 -4.31 25.42 25.31
N GLU B 372 -3.25 26.19 25.51
CA GLU B 372 -2.26 25.84 26.52
C GLU B 372 -2.89 25.79 27.91
N TYR B 373 -3.85 26.68 28.20
CA TYR B 373 -4.58 26.61 29.46
C TYR B 373 -5.38 25.31 29.56
N LEU B 374 -6.08 24.96 28.48
CA LEU B 374 -6.87 23.73 28.50
C LEU B 374 -5.98 22.52 28.77
N VAL B 375 -4.86 22.41 28.05
CA VAL B 375 -3.99 21.24 28.18
C VAL B 375 -3.34 21.21 29.56
N ASN B 376 -2.68 22.32 29.94
CA ASN B 376 -1.82 22.34 31.12
C ASN B 376 -2.61 22.42 32.42
N GLU B 377 -3.64 23.24 32.48
CA GLU B 377 -4.37 23.39 33.73
C GLU B 377 -5.63 22.53 33.82
N LYS B 378 -6.28 22.23 32.69
CA LYS B 378 -7.51 21.44 32.74
C LYS B 378 -7.36 20.02 32.21
N HIS B 379 -6.20 19.67 31.62
CA HIS B 379 -5.93 18.30 31.17
C HIS B 379 -6.87 17.88 30.04
N ILE B 380 -7.29 18.84 29.25
CA ILE B 380 -8.08 18.62 28.04
C ILE B 380 -7.12 18.77 26.88
N TYR B 381 -6.89 17.67 26.14
CA TYR B 381 -5.81 17.60 25.18
C TYR B 381 -6.34 17.91 23.78
N LEU B 382 -5.78 18.96 23.17
CA LEU B 382 -6.12 19.36 21.81
C LEU B 382 -4.90 20.06 21.23
N LEU B 383 -4.90 20.20 19.91
CA LEU B 383 -3.80 20.85 19.23
C LEU B 383 -3.83 22.37 19.42
N PRO B 384 -2.66 23.02 19.39
CA PRO B 384 -2.61 24.49 19.46
C PRO B 384 -3.48 25.20 18.43
N SER B 385 -3.78 24.53 17.30
CA SER B 385 -4.67 25.09 16.30
C SER B 385 -6.09 25.27 16.81
N GLY B 386 -6.43 24.65 17.94
CA GLY B 386 -7.79 24.68 18.44
C GLY B 386 -8.70 23.62 17.87
N ARG B 387 -8.16 22.69 17.09
CA ARG B 387 -8.98 21.63 16.52
C ARG B 387 -9.37 20.61 17.57
N ILE B 388 -10.62 20.19 17.56
CA ILE B 388 -11.05 19.11 18.44
C ILE B 388 -11.72 18.04 17.62
N ASN B 389 -11.63 16.81 18.10
CA ASN B 389 -12.46 15.71 17.63
C ASN B 389 -13.77 15.75 18.43
N VAL B 390 -14.86 16.10 17.76
CA VAL B 390 -16.15 16.28 18.42
C VAL B 390 -16.65 14.98 19.04
N SER B 391 -16.28 13.82 18.45
CA SER B 391 -16.64 12.54 19.05
C SER B 391 -15.84 12.25 20.33
N GLY B 392 -14.84 13.06 20.66
CA GLY B 392 -14.22 12.97 21.98
C GLY B 392 -15.04 13.56 23.11
N LEU B 393 -16.09 14.30 22.76
CA LEU B 393 -17.05 14.79 23.73
C LEU B 393 -18.05 13.69 24.07
N THR B 394 -18.41 13.62 25.36
CA THR B 394 -19.33 12.60 25.84
C THR B 394 -20.36 13.24 26.76
N THR B 395 -21.44 12.50 27.01
CA THR B 395 -22.40 12.92 28.01
C THR B 395 -21.73 13.22 29.34
N LYS B 396 -20.71 12.44 29.69
CA LYS B 396 -20.10 12.55 31.01
C LYS B 396 -19.08 13.68 31.11
N ASN B 397 -18.43 14.08 30.01
CA ASN B 397 -17.40 15.12 30.10
C ASN B 397 -17.84 16.45 29.51
N LEU B 398 -19.07 16.57 28.98
CA LEU B 398 -19.47 17.78 28.29
C LEU B 398 -19.44 18.99 29.21
N ASP B 399 -19.95 18.83 30.43
CA ASP B 399 -20.01 19.99 31.34
C ASP B 399 -18.60 20.44 31.71
N TYR B 400 -17.70 19.48 31.92
CA TYR B 400 -16.33 19.84 32.26
C TYR B 400 -15.63 20.54 31.08
N VAL B 401 -15.82 20.03 29.87
CA VAL B 401 -15.17 20.64 28.71
C VAL B 401 -15.72 22.05 28.46
N ALA B 402 -17.06 22.20 28.52
CA ALA B 402 -17.63 23.52 28.26
C ALA B 402 -17.21 24.54 29.32
N THR B 403 -17.22 24.14 30.60
CA THR B 403 -16.77 25.05 31.65
C THR B 403 -15.31 25.43 31.47
N SER B 404 -14.47 24.46 31.08
CA SER B 404 -13.05 24.74 30.89
C SER B 404 -12.82 25.67 29.71
N ILE B 405 -13.58 25.48 28.62
CA ILE B 405 -13.46 26.40 27.49
C ILE B 405 -13.93 27.79 27.91
N HIS B 406 -14.99 27.87 28.71
CA HIS B 406 -15.44 29.17 29.22
C HIS B 406 -14.33 29.85 30.04
N GLU B 407 -13.69 29.09 30.93
CA GLU B 407 -12.57 29.63 31.69
C GLU B 407 -11.44 30.10 30.77
N ALA B 408 -11.11 29.30 29.75
CA ALA B 408 -10.01 29.66 28.87
C ALA B 408 -10.30 30.96 28.14
N VAL B 409 -11.56 31.17 27.74
CA VAL B 409 -11.91 32.34 26.96
C VAL B 409 -11.98 33.56 27.86
N THR B 410 -12.42 33.41 29.11
CA THR B 410 -12.63 34.56 29.97
C THR B 410 -11.37 34.96 30.74
N LYS B 411 -10.47 34.01 31.00
CA LYS B 411 -9.22 34.25 31.71
C LYS B 411 -8.09 34.67 30.78
N ILE B 412 -8.00 34.11 29.58
CA ILE B 412 -6.87 34.32 28.69
C ILE B 412 -7.32 35.14 27.48
N GLN B 413 -6.59 36.19 27.16
CA GLN B 413 -6.84 36.95 25.95
C GLN B 413 -6.44 36.15 24.71
#